data_6H0P
#
_entry.id   6H0P
#
_cell.length_a   144.564
_cell.length_b   144.564
_cell.length_c   130.519
_cell.angle_alpha   90.00
_cell.angle_beta   90.00
_cell.angle_gamma   120.00
#
_symmetry.space_group_name_H-M   'P 32 2 1'
#
loop_
_entity.id
_entity.type
_entity.pdbx_description
1 polymer 'UDP-D-apiose/UDP-D-xylose synthase 1'
2 non-polymer NICOTINAMIDE-ADENINE-DINUCLEOTIDE
3 non-polymer "URIDINE-5'-DIPHOSPHATE-GLUCURONIC ACID"
#
_entity_poly.entity_id   1
_entity_poly.type   'polypeptide(L)'
_entity_poly.pdbx_seq_one_letter_code
;MANGANRVDLDGKPIQPLTICMIGAGGFIGSHLCEKLLTETPHKVLALDVYNDKIKHLLEPDTVEWSGRIQFHRINIKHD
SRLEGLVKMADLIINLAAIATPADYNTRPLDTIYSNFIDALPVVKYCSENNKRLIHFSTCEVYGKTIGSFLPKDHPLRDD
PAFYVLKEDISPCIFGSIEKQRWSYACAKQLIERLVYAEGAENGLEFTIVRPFNWIGPRMDFIPGIDGPSEGVPRVLACF
SNNLLRREPLKLVDGGESQRTFVYINDAIEAVLLMIENPERANGHIFNVGNPNNEVTVRQLAEMMTEVYAKVSGEGAIES
PTVDVSSKEFYGEGYDDSDKRIPDMTIINRQLGWNPKTSLWDLLESTLTYQHRTYAEAVKKATSKPVAS
;
_entity_poly.pdbx_strand_id   A,B
#
loop_
_chem_comp.id
_chem_comp.type
_chem_comp.name
_chem_comp.formula
NAD non-polymer NICOTINAMIDE-ADENINE-DINUCLEOTIDE 'C21 H27 N7 O14 P2'
UGA non-polymer 'URIDINE-5'-DIPHOSPHATE-GLUCURONIC ACID' 'C15 H22 N2 O18 P2'
#
# COMPACT_ATOMS: atom_id res chain seq x y z
N VAL A 8 27.85 22.91 14.27
CA VAL A 8 27.42 23.84 13.19
C VAL A 8 26.77 23.04 12.06
N ASP A 9 25.58 23.44 11.63
CA ASP A 9 24.85 22.73 10.52
C ASP A 9 25.38 23.05 9.11
N LEU A 10 24.80 22.39 8.08
CA LEU A 10 25.20 22.62 6.66
C LEU A 10 24.91 24.04 6.18
N ASP A 11 23.66 24.50 6.32
CA ASP A 11 23.28 25.88 5.98
C ASP A 11 24.37 26.85 6.48
N GLY A 12 24.99 26.54 7.61
CA GLY A 12 26.04 27.31 8.20
C GLY A 12 25.68 27.70 9.62
N LYS A 13 24.37 27.68 9.95
CA LYS A 13 23.85 28.02 11.28
C LYS A 13 24.55 27.17 12.34
N PRO A 14 24.50 27.57 13.61
CA PRO A 14 25.01 26.72 14.70
C PRO A 14 23.90 25.71 15.05
N ILE A 15 24.23 24.58 15.66
CA ILE A 15 23.20 23.55 15.99
C ILE A 15 22.68 23.69 17.42
N GLN A 16 21.43 24.13 17.56
CA GLN A 16 20.68 24.05 18.81
C GLN A 16 20.57 22.57 19.21
N PRO A 17 20.84 22.26 20.49
CA PRO A 17 20.62 20.91 20.96
C PRO A 17 19.14 20.59 21.15
N LEU A 18 18.85 19.27 21.11
CA LEU A 18 17.52 18.74 21.09
C LEU A 18 17.33 17.58 22.07
N THR A 19 16.16 17.54 22.69
CA THR A 19 15.65 16.33 23.28
C THR A 19 14.99 15.55 22.13
N ILE A 20 15.42 14.29 21.96
CA ILE A 20 14.96 13.44 20.90
C ILE A 20 14.27 12.24 21.51
N CYS A 21 13.01 12.06 21.14
CA CYS A 21 12.27 10.86 21.46
C CYS A 21 12.52 9.81 20.38
N MET A 22 13.21 8.73 20.75
CA MET A 22 13.55 7.68 19.82
C MET A 22 12.77 6.41 20.19
N ILE A 23 11.92 5.96 19.28
CA ILE A 23 11.07 4.83 19.50
C ILE A 23 11.66 3.68 18.69
N GLY A 24 11.81 2.52 19.31
CA GLY A 24 12.55 1.40 18.72
C GLY A 24 14.06 1.64 18.78
N ALA A 25 14.46 2.26 19.89
CA ALA A 25 15.78 2.80 20.09
C ALA A 25 16.76 1.75 20.56
N GLY A 26 16.23 0.65 21.10
CA GLY A 26 17.04 -0.50 21.47
C GLY A 26 17.28 -1.48 20.32
N GLY A 27 16.79 -1.14 19.13
CA GLY A 27 16.97 -1.94 17.94
C GLY A 27 18.36 -1.80 17.34
N PHE A 28 18.56 -2.52 16.24
CA PHE A 28 19.77 -2.43 15.43
C PHE A 28 20.05 -0.98 15.08
N ILE A 29 19.16 -0.35 14.30
CA ILE A 29 19.44 1.02 13.88
C ILE A 29 19.38 1.92 15.08
N GLY A 30 18.41 1.70 15.96
CA GLY A 30 18.29 2.51 17.17
C GLY A 30 19.58 2.65 17.97
N SER A 31 20.22 1.50 18.19
CA SER A 31 21.35 1.40 19.06
C SER A 31 22.53 2.19 18.52
N HIS A 32 22.82 1.99 17.23
CA HIS A 32 23.91 2.70 16.59
C HIS A 32 23.65 4.20 16.54
N LEU A 33 22.38 4.57 16.43
CA LEU A 33 22.00 5.97 16.40
C LEU A 33 22.29 6.63 17.76
N CYS A 34 21.85 6.00 18.86
CA CYS A 34 22.17 6.44 20.20
C CYS A 34 23.69 6.71 20.35
N GLU A 35 24.52 5.80 19.83
CA GLU A 35 25.94 5.98 19.87
C GLU A 35 26.41 7.22 19.14
N LYS A 36 26.00 7.46 17.89
CA LYS A 36 26.49 8.65 17.19
C LYS A 36 25.95 9.92 17.84
N LEU A 37 24.79 9.84 18.47
CA LEU A 37 24.21 11.03 19.05
C LEU A 37 24.98 11.39 20.30
N LEU A 38 25.21 10.38 21.14
CA LEU A 38 25.97 10.59 22.36
C LEU A 38 27.39 11.05 22.03
N THR A 39 28.07 10.36 21.13
CA THR A 39 29.46 10.61 20.91
C THR A 39 29.77 11.83 20.02
N GLU A 40 29.02 12.05 18.95
CA GLU A 40 29.35 13.10 17.99
C GLU A 40 28.46 14.38 18.17
N THR A 41 27.53 14.46 19.15
CA THR A 41 26.58 15.60 19.21
C THR A 41 26.07 16.01 20.58
N PRO A 42 25.52 17.24 20.70
CA PRO A 42 24.94 17.70 21.95
C PRO A 42 23.61 17.10 22.39
N HIS A 43 22.97 16.25 21.60
CA HIS A 43 21.50 16.02 21.81
C HIS A 43 21.20 15.06 22.96
N LYS A 44 20.02 15.22 23.53
CA LYS A 44 19.53 14.39 24.61
C LYS A 44 18.62 13.35 23.95
N VAL A 45 18.70 12.10 24.41
CA VAL A 45 17.91 11.01 23.84
C VAL A 45 16.95 10.45 24.87
N LEU A 46 15.70 10.27 24.47
CA LEU A 46 14.78 9.45 25.22
C LEU A 46 14.62 8.15 24.46
N ALA A 47 15.14 7.06 25.01
CA ALA A 47 15.12 5.77 24.32
C ALA A 47 13.94 4.92 24.78
N LEU A 48 13.00 4.73 23.86
CA LEU A 48 11.79 3.96 24.11
C LEU A 48 11.88 2.68 23.30
N ASP A 49 11.60 1.57 23.96
CA ASP A 49 11.62 0.26 23.38
C ASP A 49 11.07 -0.70 24.42
N VAL A 50 10.71 -1.92 24.01
CA VAL A 50 10.39 -2.93 25.02
C VAL A 50 11.65 -3.59 25.59
N TYR A 51 12.73 -3.65 24.80
CA TYR A 51 13.99 -4.22 25.23
C TYR A 51 15.09 -3.16 25.12
N ASN A 52 16.13 -3.34 25.91
CA ASN A 52 17.27 -2.45 25.86
C ASN A 52 18.60 -3.18 25.71
N ASP A 53 18.54 -4.47 25.39
CA ASP A 53 19.72 -5.34 25.35
C ASP A 53 20.85 -4.61 24.59
N LYS A 54 20.48 -4.07 23.40
CA LYS A 54 21.51 -3.54 22.50
C LYS A 54 22.02 -2.14 22.89
N ILE A 55 21.46 -1.52 23.93
CA ILE A 55 21.97 -0.25 24.43
C ILE A 55 22.32 -0.31 25.94
N LYS A 56 22.35 -1.53 26.53
CA LYS A 56 22.72 -1.70 27.92
C LYS A 56 24.09 -1.04 28.19
N HIS A 57 25.00 -1.25 27.23
CA HIS A 57 26.35 -0.75 27.26
C HIS A 57 26.38 0.78 27.33
N LEU A 58 25.22 1.42 27.29
CA LEU A 58 25.28 2.91 27.36
C LEU A 58 24.39 3.42 28.49
N LEU A 59 23.68 2.51 29.17
CA LEU A 59 22.76 2.95 30.26
C LEU A 59 23.53 3.17 31.57
N GLU A 60 23.02 4.08 32.40
CA GLU A 60 23.60 4.45 33.71
C GLU A 60 24.04 3.19 34.48
N PRO A 61 23.16 2.18 34.67
CA PRO A 61 23.53 0.95 35.38
C PRO A 61 24.87 0.35 34.94
N ASP A 62 25.07 0.21 33.63
CA ASP A 62 26.31 -0.39 33.10
C ASP A 62 27.39 0.68 33.01
N THR A 63 26.99 1.96 33.03
CA THR A 63 27.95 3.09 32.97
C THR A 63 27.20 4.37 33.34
N VAL A 64 27.93 5.38 33.81
CA VAL A 64 27.33 6.68 34.20
C VAL A 64 28.12 7.77 33.48
N GLU A 65 28.69 7.44 32.33
CA GLU A 65 29.48 8.42 31.54
C GLU A 65 28.49 9.33 30.80
N TRP A 66 27.30 8.81 30.52
CA TRP A 66 26.27 9.60 29.78
C TRP A 66 25.06 9.85 30.67
N SER A 67 25.24 9.75 31.99
CA SER A 67 24.10 10.03 32.91
C SER A 67 23.60 11.44 32.58
N GLY A 68 22.31 11.58 32.26
CA GLY A 68 21.83 12.90 31.89
C GLY A 68 21.25 12.89 30.49
N ARG A 69 22.09 12.51 29.54
CA ARG A 69 21.77 12.69 28.10
C ARG A 69 21.16 11.42 27.45
N ILE A 70 20.87 10.41 28.24
CA ILE A 70 20.10 9.29 27.71
C ILE A 70 19.25 8.73 28.86
N GLN A 71 18.09 8.20 28.51
CA GLN A 71 17.08 7.76 29.46
C GLN A 71 16.28 6.66 28.81
N PHE A 72 16.46 5.41 29.22
CA PHE A 72 15.59 4.34 28.75
C PHE A 72 14.19 4.51 29.34
N HIS A 73 13.15 4.11 28.60
CA HIS A 73 11.79 4.01 29.10
C HIS A 73 11.20 2.74 28.51
N ARG A 74 11.12 1.66 29.29
CA ARG A 74 10.53 0.41 28.81
C ARG A 74 9.06 0.69 28.59
N ILE A 75 8.70 0.99 27.34
CA ILE A 75 7.30 1.30 26.93
C ILE A 75 7.01 0.44 25.69
N ASN A 76 5.75 -0.03 25.62
CA ASN A 76 5.21 -0.67 24.45
C ASN A 76 4.11 0.23 23.87
N ILE A 77 4.41 0.78 22.70
CA ILE A 77 3.51 1.77 22.10
C ILE A 77 2.18 1.22 21.59
N LYS A 78 1.93 -0.08 21.71
CA LYS A 78 0.69 -0.61 21.27
C LYS A 78 -0.37 -0.02 22.20
N HIS A 79 -0.12 -0.03 23.52
CA HIS A 79 -0.98 0.71 24.42
C HIS A 79 -0.20 1.02 25.70
N ASP A 80 0.00 2.34 25.89
CA ASP A 80 0.74 2.89 27.01
C ASP A 80 0.52 4.38 26.96
N SER A 81 -0.32 4.86 27.86
CA SER A 81 -0.68 6.25 27.97
C SER A 81 0.55 7.10 28.00
N ARG A 82 1.52 6.64 28.81
CA ARG A 82 2.81 7.32 28.99
C ARG A 82 3.32 7.99 27.70
N LEU A 83 3.02 7.40 26.53
CA LEU A 83 3.63 7.81 25.27
C LEU A 83 3.45 9.30 24.91
N GLU A 84 2.20 9.76 24.83
CA GLU A 84 1.95 11.11 24.33
C GLU A 84 2.80 12.12 25.13
N GLY A 85 2.93 11.90 26.45
CA GLY A 85 3.70 12.78 27.32
C GLY A 85 5.18 12.74 27.02
N LEU A 86 5.68 11.54 26.82
CA LEU A 86 7.07 11.33 26.37
C LEU A 86 7.34 12.10 25.08
N VAL A 87 6.41 12.06 24.14
CA VAL A 87 6.53 12.79 22.88
C VAL A 87 6.51 14.29 23.16
N LYS A 88 5.49 14.72 23.91
CA LYS A 88 5.37 16.11 24.38
C LYS A 88 6.69 16.56 25.05
N MET A 89 7.37 15.64 25.75
CA MET A 89 8.66 15.91 26.42
C MET A 89 9.82 16.29 25.48
N ALA A 90 9.78 15.83 24.22
CA ALA A 90 10.90 16.01 23.25
C ALA A 90 10.60 17.05 22.18
N ASP A 91 11.64 17.38 21.41
CA ASP A 91 11.50 18.26 20.25
C ASP A 91 11.37 17.50 18.94
N LEU A 92 11.86 16.27 18.92
CA LEU A 92 11.96 15.52 17.67
C LEU A 92 11.70 14.07 17.98
N ILE A 93 10.83 13.45 17.20
CA ILE A 93 10.47 12.07 17.39
C ILE A 93 11.10 11.31 16.23
N ILE A 94 11.69 10.15 16.52
CA ILE A 94 12.20 9.25 15.51
C ILE A 94 11.57 7.89 15.76
N ASN A 95 10.84 7.37 14.76
CA ASN A 95 10.05 6.15 14.90
C ASN A 95 10.73 5.05 14.12
N LEU A 96 11.37 4.14 14.83
CA LEU A 96 11.96 2.94 14.23
C LEU A 96 11.13 1.68 14.51
N ALA A 97 10.13 1.79 15.37
CA ALA A 97 9.54 0.61 16.04
C ALA A 97 8.67 -0.15 15.05
N ALA A 98 9.08 -1.35 14.68
CA ALA A 98 8.52 -2.05 13.55
C ALA A 98 9.00 -3.51 13.54
N ILE A 99 8.09 -4.40 13.12
CA ILE A 99 8.44 -5.73 12.62
C ILE A 99 9.08 -5.49 11.25
N ALA A 100 10.34 -5.90 11.07
CA ALA A 100 10.98 -5.70 9.77
C ALA A 100 11.84 -6.88 9.27
N THR A 101 11.54 -8.11 9.69
CA THR A 101 12.14 -9.30 9.12
C THR A 101 11.21 -9.94 8.10
N PRO A 102 11.68 -10.04 6.83
CA PRO A 102 10.87 -10.63 5.75
C PRO A 102 10.19 -11.96 6.11
N ALA A 103 10.93 -12.74 6.90
CA ALA A 103 10.51 -14.01 7.42
C ALA A 103 9.01 -14.08 7.78
N ASP A 104 8.51 -13.11 8.53
CA ASP A 104 7.11 -13.22 9.00
C ASP A 104 6.18 -12.12 8.44
N TYR A 105 6.45 -11.73 7.19
CA TYR A 105 5.51 -10.93 6.43
C TYR A 105 4.45 -11.85 5.85
N ASN A 106 4.86 -13.06 5.41
CA ASN A 106 3.92 -14.03 4.86
C ASN A 106 3.42 -15.04 5.91
N THR A 107 3.90 -14.93 7.15
CA THR A 107 3.58 -15.90 8.16
C THR A 107 2.78 -15.31 9.33
N ARG A 108 3.12 -14.07 9.70
CA ARG A 108 2.29 -13.28 10.62
C ARG A 108 1.84 -11.97 9.95
N PRO A 109 1.15 -12.06 8.77
CA PRO A 109 0.75 -10.89 8.02
C PRO A 109 -0.09 -9.87 8.80
N LEU A 110 -0.95 -10.33 9.70
CA LEU A 110 -1.75 -9.38 10.48
C LEU A 110 -0.85 -8.58 11.41
N ASP A 111 -0.04 -9.27 12.23
CA ASP A 111 0.87 -8.58 13.16
C ASP A 111 1.82 -7.64 12.39
N THR A 112 2.23 -8.05 11.18
CA THR A 112 3.11 -7.22 10.33
C THR A 112 2.45 -5.88 9.96
N ILE A 113 1.21 -5.99 9.49
CA ILE A 113 0.43 -4.84 9.06
C ILE A 113 0.16 -3.94 10.26
N TYR A 114 -0.32 -4.54 11.34
CA TYR A 114 -0.56 -3.77 12.54
C TYR A 114 0.70 -3.09 13.04
N SER A 115 1.84 -3.78 12.96
CA SER A 115 3.09 -3.21 13.42
C SER A 115 3.49 -1.99 12.62
N ASN A 116 3.49 -2.15 11.30
CA ASN A 116 4.09 -1.18 10.39
C ASN A 116 3.15 -0.08 9.91
N PHE A 117 1.85 -0.34 9.96
CA PHE A 117 0.87 0.71 9.74
C PHE A 117 0.15 1.17 11.01
N ILE A 118 -0.65 0.30 11.61
CA ILE A 118 -1.61 0.74 12.62
C ILE A 118 -0.96 1.35 13.88
N ASP A 119 0.05 0.65 14.41
CA ASP A 119 0.66 1.01 15.68
C ASP A 119 1.47 2.30 15.56
N ALA A 120 1.82 2.70 14.33
CA ALA A 120 2.54 3.95 14.11
C ALA A 120 1.63 5.18 14.10
N LEU A 121 0.35 4.97 13.82
CA LEU A 121 -0.58 6.09 13.62
C LEU A 121 -0.62 7.01 14.81
N PRO A 122 -0.70 6.50 16.06
CA PRO A 122 -0.68 7.34 17.23
C PRO A 122 0.52 8.31 17.26
N VAL A 123 1.70 7.75 16.99
CA VAL A 123 2.95 8.52 16.93
C VAL A 123 2.80 9.74 16.00
N VAL A 124 2.16 9.49 14.87
CA VAL A 124 1.87 10.51 13.88
C VAL A 124 0.79 11.47 14.39
N LYS A 125 -0.27 10.96 15.04
CA LYS A 125 -1.30 11.80 15.70
C LYS A 125 -0.57 12.82 16.60
N TYR A 126 0.25 12.33 17.53
CA TYR A 126 0.84 13.19 18.54
C TYR A 126 1.82 14.20 17.96
N CYS A 127 2.65 13.76 17.02
CA CYS A 127 3.58 14.70 16.39
C CYS A 127 2.88 15.88 15.71
N SER A 128 1.79 15.60 15.00
CA SER A 128 1.07 16.65 14.29
C SER A 128 0.28 17.56 15.25
N GLU A 129 -0.36 16.94 16.24
CA GLU A 129 -1.18 17.64 17.24
C GLU A 129 -0.33 18.65 18.00
N ASN A 130 0.81 18.15 18.53
CA ASN A 130 1.69 18.92 19.41
C ASN A 130 2.83 19.64 18.66
N ASN A 131 2.73 19.71 17.34
CA ASN A 131 3.69 20.42 16.46
C ASN A 131 5.13 20.06 16.77
N LYS A 132 5.38 18.74 16.78
CA LYS A 132 6.70 18.15 16.86
C LYS A 132 7.11 17.64 15.47
N ARG A 133 8.41 17.62 15.23
CA ARG A 133 8.98 17.14 14.00
C ARG A 133 9.08 15.62 14.06
N LEU A 134 8.78 14.93 12.96
CA LEU A 134 8.81 13.47 12.90
C LEU A 134 9.82 12.97 11.85
N ILE A 135 10.64 11.99 12.24
CA ILE A 135 11.43 11.20 11.32
C ILE A 135 10.91 9.77 11.35
N HIS A 136 10.27 9.36 10.26
CA HIS A 136 9.74 8.00 10.14
C HIS A 136 10.66 7.16 9.30
N PHE A 137 10.93 5.95 9.77
CA PHE A 137 11.74 5.02 9.07
C PHE A 137 10.84 4.11 8.29
N SER A 138 10.89 4.26 6.96
CA SER A 138 10.20 3.39 6.05
C SER A 138 11.21 2.34 5.56
N THR A 139 11.28 2.09 4.24
CA THR A 139 12.13 1.05 3.67
C THR A 139 12.23 1.22 2.16
N CYS A 140 13.32 0.71 1.58
CA CYS A 140 13.43 0.50 0.12
C CYS A 140 12.42 -0.54 -0.44
N GLU A 141 11.83 -1.34 0.46
CA GLU A 141 10.83 -2.30 0.05
C GLU A 141 9.57 -1.61 -0.41
N VAL A 142 9.40 -0.32 -0.11
CA VAL A 142 8.25 0.43 -0.61
C VAL A 142 8.22 0.47 -2.15
N TYR A 143 9.38 0.60 -2.79
CA TYR A 143 9.47 0.49 -4.25
C TYR A 143 9.11 -0.93 -4.73
N GLY A 144 9.38 -1.93 -3.90
CA GLY A 144 9.10 -3.32 -4.19
C GLY A 144 9.96 -3.81 -5.34
N LYS A 145 9.29 -4.13 -6.46
CA LYS A 145 9.93 -4.65 -7.66
C LYS A 145 10.30 -3.57 -8.66
N THR A 146 11.33 -3.90 -9.45
CA THR A 146 11.82 -2.99 -10.48
C THR A 146 11.14 -3.24 -11.83
N ILE A 147 10.47 -2.20 -12.28
CA ILE A 147 9.87 -2.22 -13.64
C ILE A 147 10.57 -3.13 -14.62
N GLY A 148 11.93 -3.06 -14.65
CA GLY A 148 12.77 -3.94 -15.47
C GLY A 148 12.50 -5.42 -15.30
N SER A 149 12.03 -5.83 -14.13
CA SER A 149 11.90 -7.22 -13.79
C SER A 149 10.85 -7.94 -14.64
N PHE A 150 9.99 -7.18 -15.32
CA PHE A 150 8.91 -7.76 -16.13
C PHE A 150 9.26 -7.86 -17.61
N LEU A 151 10.42 -7.33 -17.99
CA LEU A 151 10.88 -7.46 -19.35
C LEU A 151 11.42 -8.88 -19.49
N PRO A 152 11.44 -9.39 -20.75
CA PRO A 152 12.06 -10.69 -21.07
C PRO A 152 13.50 -10.85 -20.58
N LYS A 153 13.96 -12.10 -20.34
CA LYS A 153 15.33 -12.33 -19.83
C LYS A 153 16.27 -11.70 -20.85
N ASP A 154 17.28 -11.00 -20.38
CA ASP A 154 18.25 -10.35 -21.25
C ASP A 154 17.63 -9.46 -22.35
N HIS A 155 16.46 -8.85 -22.11
CA HIS A 155 15.94 -7.79 -23.00
C HIS A 155 16.75 -6.53 -22.77
N PRO A 156 17.24 -5.88 -23.84
CA PRO A 156 18.08 -4.67 -23.75
C PRO A 156 17.60 -3.51 -22.86
N LEU A 157 16.29 -3.34 -22.78
CA LEU A 157 15.72 -2.31 -21.92
C LEU A 157 16.13 -2.48 -20.45
N ARG A 158 16.49 -3.69 -20.03
CA ARG A 158 16.95 -3.92 -18.65
C ARG A 158 18.21 -3.11 -18.34
N ASP A 159 19.04 -2.85 -19.34
CA ASP A 159 20.23 -2.06 -19.16
C ASP A 159 19.97 -0.56 -18.99
N ASP A 160 18.80 -0.05 -19.37
CA ASP A 160 18.50 1.39 -19.21
C ASP A 160 18.19 1.61 -17.74
N PRO A 161 18.97 2.45 -17.04
CA PRO A 161 18.72 2.79 -15.64
C PRO A 161 17.29 3.18 -15.34
N ALA A 162 16.70 3.80 -16.36
CA ALA A 162 15.25 4.04 -16.45
C ALA A 162 14.43 2.92 -15.80
N PHE A 163 14.86 1.65 -15.92
CA PHE A 163 14.08 0.54 -15.53
C PHE A 163 14.46 -0.10 -14.20
N TYR A 164 15.60 0.32 -13.58
CA TYR A 164 15.95 -0.28 -12.26
C TYR A 164 16.30 0.67 -11.09
N VAL A 165 16.70 1.89 -11.42
CA VAL A 165 17.08 2.87 -10.43
C VAL A 165 15.83 3.31 -9.76
N LEU A 166 15.92 3.55 -8.45
CA LEU A 166 14.76 3.80 -7.65
C LEU A 166 14.85 5.22 -7.16
N LYS A 167 14.24 6.15 -7.90
CA LYS A 167 14.23 7.56 -7.56
C LYS A 167 13.03 7.81 -6.62
N GLU A 168 13.26 8.60 -5.57
CA GLU A 168 12.30 8.70 -4.47
C GLU A 168 11.07 9.53 -4.85
N ASP A 169 11.23 10.57 -5.66
CA ASP A 169 10.11 11.39 -6.05
C ASP A 169 9.26 10.85 -7.23
N ILE A 170 9.72 9.83 -7.96
CA ILE A 170 9.00 9.39 -9.20
C ILE A 170 8.95 7.90 -9.48
N SER A 171 9.88 7.09 -9.01
CA SER A 171 9.74 5.65 -9.26
C SER A 171 8.50 5.04 -8.59
N PRO A 172 7.88 4.02 -9.22
CA PRO A 172 6.63 3.50 -8.70
C PRO A 172 6.84 2.48 -7.60
N CYS A 173 5.77 2.27 -6.83
CA CYS A 173 5.69 1.24 -5.85
C CYS A 173 5.02 0.04 -6.51
N ILE A 174 5.79 -1.00 -6.76
CA ILE A 174 5.31 -2.16 -7.47
C ILE A 174 5.35 -3.41 -6.60
N PHE A 175 4.20 -3.93 -6.26
CA PHE A 175 4.15 -5.17 -5.47
C PHE A 175 3.43 -6.28 -6.25
N GLY A 176 3.69 -7.50 -5.79
CA GLY A 176 2.99 -8.71 -6.23
C GLY A 176 1.49 -8.69 -5.98
N SER A 177 0.82 -9.72 -6.50
CA SER A 177 -0.61 -9.80 -6.26
C SER A 177 -0.85 -10.06 -4.76
N ILE A 178 -2.12 -10.09 -4.38
CA ILE A 178 -2.51 -10.07 -2.95
C ILE A 178 -2.04 -11.34 -2.22
N GLU A 179 -2.24 -12.47 -2.92
CA GLU A 179 -1.86 -13.78 -2.43
C GLU A 179 -0.37 -13.84 -1.99
N LYS A 180 0.49 -13.02 -2.63
CA LYS A 180 1.87 -12.86 -2.25
C LYS A 180 1.94 -11.96 -1.02
N GLN A 181 1.80 -12.63 0.10
CA GLN A 181 1.71 -11.97 1.39
C GLN A 181 3.02 -11.30 1.86
N ARG A 182 4.18 -11.56 1.22
CA ARG A 182 5.37 -10.79 1.60
C ARG A 182 5.17 -9.27 1.47
N TRP A 183 4.28 -8.87 0.58
CA TRP A 183 4.09 -7.47 0.36
C TRP A 183 3.22 -6.82 1.46
N SER A 184 2.61 -7.64 2.31
CA SER A 184 1.98 -7.14 3.54
C SER A 184 2.82 -6.02 4.15
N TYR A 185 4.11 -6.31 4.37
CA TYR A 185 5.01 -5.34 4.96
C TYR A 185 5.17 -4.10 4.09
N ALA A 186 5.50 -4.31 2.82
CA ALA A 186 5.69 -3.17 1.94
C ALA A 186 4.44 -2.28 1.81
N CYS A 187 3.28 -2.90 1.70
CA CYS A 187 2.04 -2.15 1.49
C CYS A 187 1.72 -1.30 2.72
N ALA A 188 1.96 -1.87 3.89
CA ALA A 188 1.79 -1.14 5.13
C ALA A 188 2.74 0.07 5.19
N LYS A 189 4.00 -0.18 4.82
CA LYS A 189 4.98 0.89 4.82
C LYS A 189 4.60 1.96 3.80
N GLN A 190 4.13 1.51 2.63
CA GLN A 190 3.67 2.44 1.61
C GLN A 190 2.58 3.32 2.19
N LEU A 191 1.57 2.73 2.82
CA LEU A 191 0.44 3.51 3.30
C LEU A 191 0.86 4.48 4.40
N ILE A 192 1.74 4.04 5.30
CA ILE A 192 2.15 4.93 6.37
C ILE A 192 2.91 6.15 5.80
N GLU A 193 3.67 5.93 4.73
CA GLU A 193 4.38 7.02 4.08
C GLU A 193 3.36 7.96 3.47
N ARG A 194 2.36 7.38 2.83
CA ARG A 194 1.35 8.17 2.15
C ARG A 194 0.59 9.02 3.13
N LEU A 195 0.34 8.45 4.30
CA LEU A 195 -0.38 9.15 5.35
C LEU A 195 0.47 10.26 5.96
N VAL A 196 1.73 9.93 6.21
CA VAL A 196 2.64 10.95 6.80
C VAL A 196 2.75 12.09 5.79
N TYR A 197 2.99 11.75 4.53
CA TYR A 197 3.13 12.81 3.49
C TYR A 197 1.88 13.69 3.52
N ALA A 198 0.73 13.04 3.44
CA ALA A 198 -0.56 13.77 3.46
C ALA A 198 -0.59 14.65 4.71
N GLU A 199 -0.47 14.02 5.87
CA GLU A 199 -0.53 14.81 7.11
C GLU A 199 0.40 16.02 7.01
N GLY A 200 1.53 15.87 6.31
CA GLY A 200 2.39 16.99 5.97
C GLY A 200 1.76 17.99 5.03
N ALA A 201 0.82 17.52 4.22
CA ALA A 201 0.15 18.39 3.23
C ALA A 201 -1.15 18.95 3.80
N GLU A 202 -2.11 18.09 4.10
CA GLU A 202 -3.41 18.54 4.67
C GLU A 202 -3.10 19.40 5.89
N ASN A 203 -2.39 18.83 6.88
CA ASN A 203 -1.95 19.63 8.05
C ASN A 203 -0.52 20.11 7.80
N GLY A 204 0.14 20.73 8.77
CA GLY A 204 1.50 21.22 8.45
C GLY A 204 2.67 20.41 8.91
N LEU A 205 2.53 19.10 9.11
CA LEU A 205 3.57 18.29 9.77
C LEU A 205 4.97 18.43 9.15
N GLU A 206 5.95 18.75 10.00
CA GLU A 206 7.33 18.77 9.60
C GLU A 206 7.78 17.32 9.75
N PHE A 207 8.28 16.77 8.64
CA PHE A 207 8.67 15.39 8.66
C PHE A 207 9.76 15.05 7.66
N THR A 208 10.38 13.92 7.91
CA THR A 208 11.35 13.36 7.00
C THR A 208 11.20 11.84 6.99
N ILE A 209 11.25 11.22 5.82
CA ILE A 209 11.09 9.79 5.72
C ILE A 209 12.36 9.19 5.14
N VAL A 210 12.79 8.09 5.76
CA VAL A 210 14.05 7.42 5.45
C VAL A 210 13.76 6.03 4.87
N ARG A 211 14.36 5.75 3.72
CA ARG A 211 14.26 4.45 3.10
C ARG A 211 15.64 3.85 3.09
N PRO A 212 15.93 3.04 4.13
CA PRO A 212 17.15 2.27 4.18
C PRO A 212 17.13 1.27 3.03
N PHE A 213 18.27 1.21 2.31
CA PHE A 213 18.59 0.13 1.44
C PHE A 213 19.57 -0.72 2.21
N ASN A 214 19.09 -1.83 2.79
CA ASN A 214 19.97 -2.90 3.29
C ASN A 214 21.15 -2.40 4.11
N TRP A 215 20.87 -1.81 5.27
CA TRP A 215 21.93 -1.33 6.16
C TRP A 215 22.60 -2.50 6.88
N ILE A 216 23.93 -2.52 6.83
CA ILE A 216 24.70 -3.67 7.39
C ILE A 216 25.72 -3.18 8.41
N GLY A 217 25.86 -3.92 9.51
CA GLY A 217 26.80 -3.64 10.60
C GLY A 217 26.58 -4.63 11.72
N PRO A 218 27.05 -4.37 12.95
CA PRO A 218 26.82 -5.28 14.08
C PRO A 218 25.41 -5.17 14.67
N ARG A 219 25.13 -6.04 15.65
CA ARG A 219 23.83 -6.06 16.38
C ARG A 219 22.65 -6.24 15.43
N MET A 220 22.87 -6.35 14.12
CA MET A 220 21.70 -6.56 13.26
C MET A 220 21.03 -7.89 13.62
N ASP A 221 19.75 -7.82 14.00
CA ASP A 221 18.93 -9.02 14.24
C ASP A 221 19.55 -9.84 15.38
N PHE A 222 19.72 -11.16 15.19
CA PHE A 222 20.18 -12.05 16.22
C PHE A 222 20.81 -13.28 15.56
N ILE A 223 21.71 -13.93 16.30
CA ILE A 223 22.14 -15.27 15.98
C ILE A 223 21.15 -16.25 16.61
N PRO A 224 20.50 -17.13 15.80
CA PRO A 224 19.52 -18.07 16.32
C PRO A 224 20.14 -19.04 17.33
N GLY A 225 19.48 -19.24 18.46
CA GLY A 225 19.98 -20.17 19.50
C GLY A 225 20.78 -19.46 20.57
N ILE A 226 21.43 -18.35 20.17
CA ILE A 226 22.23 -17.54 21.13
C ILE A 226 21.35 -16.37 21.59
N ASP A 227 21.65 -15.17 21.10
CA ASP A 227 20.88 -13.96 21.50
C ASP A 227 19.42 -14.12 21.10
N GLY A 228 19.16 -14.66 19.90
CA GLY A 228 17.77 -14.83 19.44
C GLY A 228 17.21 -16.20 19.77
N PRO A 229 16.16 -16.67 19.08
CA PRO A 229 15.58 -17.98 19.35
C PRO A 229 16.25 -19.08 18.52
N SER A 230 15.63 -20.25 18.48
CA SER A 230 16.22 -21.40 17.74
C SER A 230 15.59 -21.50 16.36
N GLU A 231 14.28 -21.27 16.27
CA GLU A 231 13.56 -21.37 14.97
C GLU A 231 13.38 -19.97 14.38
N GLY A 232 14.19 -19.01 14.83
CA GLY A 232 14.11 -17.63 14.30
C GLY A 232 14.71 -17.54 12.92
N VAL A 233 14.32 -16.55 12.14
CA VAL A 233 14.84 -16.42 10.79
C VAL A 233 15.05 -14.96 10.49
N PRO A 234 16.28 -14.45 10.64
CA PRO A 234 16.47 -13.05 10.41
C PRO A 234 16.75 -12.69 8.95
N ARG A 235 17.51 -11.60 8.82
CA ARG A 235 17.88 -11.09 7.56
C ARG A 235 19.32 -11.44 7.25
N VAL A 236 19.48 -11.91 6.03
CA VAL A 236 20.72 -12.38 5.40
C VAL A 236 22.09 -12.20 6.14
N LEU A 237 22.43 -10.99 6.62
CA LEU A 237 23.62 -10.79 7.31
C LEU A 237 23.62 -11.72 8.51
N ALA A 238 22.56 -11.61 9.30
CA ALA A 238 22.47 -12.43 10.48
C ALA A 238 22.42 -13.89 10.08
N CYS A 239 21.64 -14.22 9.06
CA CYS A 239 21.55 -15.58 8.61
C CYS A 239 22.91 -16.14 8.25
N PHE A 240 23.58 -15.52 7.30
CA PHE A 240 24.85 -16.02 6.89
C PHE A 240 25.79 -16.03 8.09
N SER A 241 25.85 -14.92 8.81
CA SER A 241 26.72 -14.87 9.95
C SER A 241 26.65 -16.21 10.72
N ASN A 242 25.43 -16.64 11.04
CA ASN A 242 25.24 -17.90 11.75
C ASN A 242 25.85 -19.09 10.98
N ASN A 243 25.65 -19.15 9.67
CA ASN A 243 26.18 -20.24 8.86
C ASN A 243 27.72 -20.35 8.94
N LEU A 244 28.40 -19.21 8.96
CA LEU A 244 29.84 -19.21 8.95
C LEU A 244 30.38 -19.62 10.32
N LEU A 245 29.77 -19.08 11.37
CA LEU A 245 30.08 -19.38 12.77
C LEU A 245 29.86 -20.86 13.09
N ARG A 246 28.67 -21.34 12.73
CA ARG A 246 28.33 -22.73 12.86
C ARG A 246 29.07 -23.61 11.82
N ARG A 247 29.87 -23.03 10.94
CA ARG A 247 30.61 -23.77 9.88
C ARG A 247 29.73 -24.57 8.94
N GLU A 248 28.43 -24.24 8.91
CA GLU A 248 27.50 -24.77 7.92
C GLU A 248 27.69 -24.01 6.61
N PRO A 249 27.17 -24.57 5.51
CA PRO A 249 27.02 -23.80 4.29
C PRO A 249 25.91 -22.76 4.38
N LEU A 250 26.00 -21.75 3.50
CA LEU A 250 25.06 -20.66 3.46
C LEU A 250 23.90 -21.03 2.55
N LYS A 251 22.69 -21.10 3.14
CA LYS A 251 21.45 -21.39 2.39
C LYS A 251 21.14 -20.23 1.44
N LEU A 252 21.09 -20.48 0.12
CA LEU A 252 20.75 -19.46 -0.91
C LEU A 252 19.34 -19.66 -1.47
N VAL A 253 18.43 -18.73 -1.19
CA VAL A 253 17.00 -18.89 -1.53
C VAL A 253 16.76 -18.75 -3.04
N ASP A 254 16.23 -19.81 -3.66
CA ASP A 254 16.09 -19.90 -5.11
C ASP A 254 17.35 -19.46 -5.88
N GLY A 255 18.50 -19.92 -5.42
CA GLY A 255 19.78 -19.69 -6.06
C GLY A 255 20.34 -18.30 -5.88
N GLY A 256 19.82 -17.56 -4.91
CA GLY A 256 20.30 -16.24 -4.52
C GLY A 256 20.61 -15.24 -5.65
N GLU A 257 19.77 -15.27 -6.69
CA GLU A 257 19.96 -14.40 -7.86
C GLU A 257 19.43 -12.99 -7.70
N SER A 258 18.59 -12.69 -6.68
CA SER A 258 18.22 -11.29 -6.39
C SER A 258 19.48 -10.48 -6.14
N GLN A 259 19.40 -9.17 -6.38
CA GLN A 259 20.47 -8.24 -6.10
C GLN A 259 20.09 -7.24 -5.02
N ARG A 260 21.11 -6.71 -4.37
CA ARG A 260 20.90 -5.75 -3.32
C ARG A 260 22.11 -4.85 -3.24
N THR A 261 21.92 -3.72 -2.57
CA THR A 261 23.00 -2.82 -2.30
C THR A 261 23.11 -2.57 -0.82
N PHE A 262 24.24 -2.98 -0.26
CA PHE A 262 24.53 -2.84 1.14
C PHE A 262 25.35 -1.60 1.47
N VAL A 263 25.01 -0.92 2.58
CA VAL A 263 25.73 0.28 2.97
C VAL A 263 26.20 0.07 4.39
N TYR A 264 27.42 0.54 4.72
CA TYR A 264 27.92 0.32 6.08
C TYR A 264 27.04 1.10 7.08
N ILE A 265 26.68 0.46 8.18
CA ILE A 265 25.76 1.07 9.14
C ILE A 265 26.28 2.44 9.58
N ASN A 266 27.59 2.57 9.75
CA ASN A 266 28.16 3.85 10.14
C ASN A 266 27.91 4.90 9.09
N ASP A 267 28.17 4.58 7.82
CA ASP A 267 27.89 5.53 6.75
C ASP A 267 26.44 6.02 6.83
N ALA A 268 25.50 5.10 7.04
CA ALA A 268 24.08 5.42 7.07
C ALA A 268 23.71 6.34 8.24
N ILE A 269 24.28 6.08 9.41
CA ILE A 269 23.94 6.90 10.55
C ILE A 269 24.34 8.37 10.36
N GLU A 270 25.43 8.59 9.63
CA GLU A 270 25.86 9.93 9.29
C GLU A 270 24.72 10.62 8.55
N ALA A 271 24.15 9.92 7.58
CA ALA A 271 23.00 10.42 6.85
C ALA A 271 21.90 10.86 7.80
N VAL A 272 21.51 9.97 8.69
CA VAL A 272 20.42 10.28 9.59
C VAL A 272 20.73 11.53 10.42
N LEU A 273 21.98 11.66 10.85
CA LEU A 273 22.40 12.80 11.66
C LEU A 273 22.21 14.10 10.89
N LEU A 274 22.61 14.09 9.62
CA LEU A 274 22.52 15.27 8.75
C LEU A 274 21.09 15.74 8.62
N MET A 275 20.15 14.78 8.62
CA MET A 275 18.72 15.06 8.57
C MET A 275 18.28 15.70 9.89
N ILE A 276 18.72 15.13 11.00
CA ILE A 276 18.37 15.66 12.28
C ILE A 276 18.82 17.11 12.39
N GLU A 277 20.06 17.36 12.02
CA GLU A 277 20.67 18.68 12.20
C GLU A 277 20.44 19.69 11.06
N ASN A 278 19.70 19.33 10.02
CA ASN A 278 19.44 20.28 8.95
C ASN A 278 18.00 20.27 8.52
N PRO A 279 17.05 20.56 9.42
CA PRO A 279 15.64 20.41 9.10
C PRO A 279 15.21 21.35 7.95
N GLU A 280 15.92 22.47 7.80
CA GLU A 280 15.70 23.36 6.65
C GLU A 280 15.74 22.57 5.35
N ARG A 281 16.48 21.46 5.28
CA ARG A 281 16.63 20.70 4.03
C ARG A 281 16.06 19.29 3.99
N ALA A 282 15.64 18.79 5.15
CA ALA A 282 15.15 17.45 5.27
C ALA A 282 13.63 17.44 5.46
N ASN A 283 13.09 18.52 6.07
CA ASN A 283 11.65 18.60 6.23
C ASN A 283 11.05 18.59 4.84
N GLY A 284 9.98 17.84 4.71
CA GLY A 284 9.36 17.70 3.43
C GLY A 284 9.72 16.38 2.78
N HIS A 285 11.02 16.06 2.68
CA HIS A 285 11.54 15.03 1.74
C HIS A 285 11.52 13.55 2.21
N ILE A 286 11.68 12.68 1.22
CA ILE A 286 11.91 11.26 1.37
C ILE A 286 13.30 10.95 0.83
N PHE A 287 14.06 10.10 1.57
CA PHE A 287 15.46 9.88 1.31
C PHE A 287 15.85 8.39 1.20
N ASN A 288 16.44 8.03 0.08
CA ASN A 288 17.12 6.81 -0.07
C ASN A 288 18.46 6.89 0.66
N VAL A 289 18.62 6.04 1.66
CA VAL A 289 19.91 5.90 2.21
C VAL A 289 20.43 4.53 1.82
N GLY A 290 21.34 4.55 0.85
CA GLY A 290 21.96 3.31 0.42
C GLY A 290 23.28 3.60 -0.25
N ASN A 291 23.96 2.56 -0.68
CA ASN A 291 25.27 2.72 -1.26
C ASN A 291 25.28 1.97 -2.58
N PRO A 292 25.10 2.72 -3.66
CA PRO A 292 24.80 2.09 -4.94
C PRO A 292 25.97 1.30 -5.46
N ASN A 293 27.15 1.59 -4.94
CA ASN A 293 28.35 1.01 -5.48
C ASN A 293 28.61 -0.39 -4.99
N ASN A 294 28.05 -0.69 -3.81
CA ASN A 294 28.14 -2.01 -3.19
C ASN A 294 26.97 -2.90 -3.66
N GLU A 295 26.76 -3.11 -4.96
CA GLU A 295 25.74 -4.07 -5.38
C GLU A 295 26.32 -5.47 -5.52
N VAL A 296 25.55 -6.47 -5.09
CA VAL A 296 25.84 -7.86 -5.40
C VAL A 296 24.54 -8.65 -5.44
N THR A 297 24.62 -9.81 -6.09
CA THR A 297 23.62 -10.85 -5.95
C THR A 297 23.79 -11.44 -4.57
N VAL A 298 22.84 -12.27 -4.19
CA VAL A 298 22.91 -12.87 -2.91
C VAL A 298 24.01 -13.95 -2.95
N ARG A 299 24.11 -14.67 -4.07
CA ARG A 299 25.19 -15.68 -4.23
C ARG A 299 26.55 -15.00 -4.00
N GLN A 300 26.73 -13.79 -4.54
CA GLN A 300 27.95 -13.02 -4.41
C GLN A 300 28.22 -12.59 -2.98
N LEU A 301 27.20 -12.05 -2.32
CA LEU A 301 27.29 -11.74 -0.91
C LEU A 301 27.82 -12.95 -0.15
N ALA A 302 27.25 -14.11 -0.42
CA ALA A 302 27.66 -15.36 0.24
C ALA A 302 29.13 -15.72 -0.03
N GLU A 303 29.50 -15.74 -1.31
CA GLU A 303 30.88 -15.98 -1.67
C GLU A 303 31.76 -14.96 -0.95
N MET A 304 31.45 -13.68 -1.07
CA MET A 304 32.31 -12.68 -0.51
C MET A 304 32.41 -12.81 1.01
N MET A 305 31.34 -13.25 1.65
CA MET A 305 31.34 -13.34 3.09
C MET A 305 32.16 -14.51 3.54
N THR A 306 32.08 -15.64 2.82
CA THR A 306 32.90 -16.79 3.18
C THR A 306 34.39 -16.43 3.06
N GLU A 307 34.75 -15.70 1.99
CA GLU A 307 36.14 -15.28 1.78
C GLU A 307 36.61 -14.42 2.96
N VAL A 308 35.93 -13.32 3.19
CA VAL A 308 36.23 -12.45 4.32
C VAL A 308 36.28 -13.23 5.64
N TYR A 309 35.32 -14.11 5.85
CA TYR A 309 35.24 -14.83 7.12
C TYR A 309 36.50 -15.70 7.31
N ALA A 310 36.87 -16.46 6.27
CA ALA A 310 38.12 -17.18 6.31
C ALA A 310 39.30 -16.28 6.71
N LYS A 311 39.38 -15.08 6.10
CA LYS A 311 40.43 -14.09 6.46
C LYS A 311 40.32 -13.80 7.95
N VAL A 312 39.17 -13.34 8.39
CA VAL A 312 38.93 -12.96 9.78
C VAL A 312 39.12 -14.13 10.77
N SER A 313 38.65 -15.34 10.42
CA SER A 313 38.60 -16.47 11.36
C SER A 313 39.99 -17.11 11.56
N GLY A 314 40.79 -17.12 10.50
CA GLY A 314 41.89 -18.03 10.44
C GLY A 314 41.40 -19.23 9.66
N GLU A 315 40.48 -19.99 10.28
CA GLU A 315 39.87 -21.21 9.64
C GLU A 315 39.53 -20.98 8.14
N GLY A 316 39.62 -22.05 7.34
CA GLY A 316 39.63 -21.89 5.88
C GLY A 316 38.25 -21.99 5.28
N ALA A 317 38.15 -22.65 4.13
CA ALA A 317 36.93 -22.80 3.30
C ALA A 317 35.88 -23.73 3.97
N ILE A 318 34.90 -24.20 3.18
CA ILE A 318 34.04 -25.41 3.41
C ILE A 318 33.92 -26.11 2.03
N GLU A 319 33.59 -27.43 2.01
CA GLU A 319 33.68 -28.29 0.74
C GLU A 319 32.88 -27.60 -0.40
N SER A 320 31.54 -27.59 -0.33
CA SER A 320 30.73 -26.53 -0.98
C SER A 320 30.35 -25.51 0.09
N PRO A 321 30.66 -24.20 -0.04
CA PRO A 321 30.32 -23.24 1.01
C PRO A 321 28.88 -22.71 0.94
N THR A 322 28.13 -23.12 -0.09
CA THR A 322 26.75 -22.74 -0.20
C THR A 322 25.94 -23.88 -0.72
N VAL A 323 24.63 -23.63 -0.68
CA VAL A 323 23.65 -24.54 -1.20
C VAL A 323 22.37 -23.80 -1.52
N ASP A 324 21.71 -24.22 -2.61
CA ASP A 324 20.41 -23.70 -2.98
C ASP A 324 19.32 -24.32 -2.12
N VAL A 325 18.21 -23.59 -1.98
CA VAL A 325 17.07 -24.04 -1.23
C VAL A 325 15.83 -23.33 -1.78
N SER A 326 14.69 -24.03 -1.88
CA SER A 326 13.47 -23.42 -2.45
C SER A 326 12.89 -22.44 -1.43
N SER A 327 12.28 -21.37 -1.93
CA SER A 327 11.61 -20.38 -1.08
C SER A 327 10.35 -20.98 -0.41
N LYS A 328 9.69 -21.96 -1.05
CA LYS A 328 8.67 -22.74 -0.35
C LYS A 328 9.35 -23.26 0.93
N GLU A 329 10.47 -24.00 0.77
CA GLU A 329 11.20 -24.62 1.92
C GLU A 329 11.67 -23.57 2.93
N PHE A 330 12.29 -22.49 2.44
CA PHE A 330 12.88 -21.48 3.33
C PHE A 330 11.87 -20.53 3.96
N TYR A 331 11.18 -19.73 3.15
CA TYR A 331 10.41 -18.56 3.61
C TYR A 331 8.93 -18.91 3.86
N GLY A 332 8.46 -19.98 3.20
CA GLY A 332 7.08 -20.40 3.26
C GLY A 332 6.25 -19.98 2.06
N GLU A 333 4.93 -19.84 2.32
CA GLU A 333 3.86 -20.02 1.35
C GLU A 333 3.83 -18.95 0.26
N GLY A 334 3.64 -17.71 0.70
CA GLY A 334 3.39 -16.58 -0.23
C GLY A 334 4.56 -15.64 -0.42
N TYR A 335 5.78 -16.23 -0.46
CA TYR A 335 7.02 -15.44 -0.63
C TYR A 335 6.99 -14.83 -2.04
N ASP A 336 7.51 -13.62 -2.13
CA ASP A 336 7.82 -12.94 -3.38
C ASP A 336 9.09 -12.13 -3.08
N ASP A 337 9.74 -11.47 -4.04
CA ASP A 337 11.00 -10.84 -3.64
C ASP A 337 11.30 -9.57 -4.46
N SER A 338 11.87 -8.58 -3.77
CA SER A 338 12.47 -7.43 -4.40
C SER A 338 13.65 -7.94 -5.25
N ASP A 339 13.78 -7.47 -6.51
CA ASP A 339 14.68 -8.18 -7.43
C ASP A 339 16.01 -7.44 -7.48
N LYS A 340 15.95 -6.12 -7.42
CA LYS A 340 17.14 -5.27 -7.60
C LYS A 340 16.95 -3.87 -6.99
N ARG A 341 17.65 -3.65 -5.90
CA ARG A 341 17.65 -2.41 -5.24
C ARG A 341 18.90 -1.67 -5.65
N ILE A 342 18.67 -0.49 -6.22
CA ILE A 342 19.71 0.45 -6.58
C ILE A 342 19.26 1.86 -6.27
N PRO A 343 19.74 2.46 -5.18
CA PRO A 343 19.19 3.74 -4.77
C PRO A 343 19.61 4.87 -5.69
N ASP A 344 18.70 5.80 -5.94
CA ASP A 344 19.04 6.97 -6.69
C ASP A 344 19.47 7.94 -5.61
N MET A 345 20.61 8.60 -5.86
CA MET A 345 21.19 9.50 -4.83
C MET A 345 21.17 10.97 -5.29
N THR A 346 20.17 11.40 -6.06
CA THR A 346 20.16 12.78 -6.42
C THR A 346 19.58 13.62 -5.30
N ILE A 347 18.48 13.16 -4.69
CA ILE A 347 17.77 13.95 -3.73
C ILE A 347 18.64 14.04 -2.47
N ILE A 348 19.03 12.89 -1.92
CA ILE A 348 19.81 12.94 -0.66
C ILE A 348 21.14 13.64 -0.81
N ASN A 349 21.76 13.45 -1.97
CA ASN A 349 23.01 14.08 -2.28
C ASN A 349 22.84 15.60 -2.41
N ARG A 350 21.79 16.05 -3.11
CA ARG A 350 21.53 17.47 -3.23
C ARG A 350 21.19 18.10 -1.88
N GLN A 351 20.32 17.46 -1.11
CA GLN A 351 19.87 18.08 0.15
C GLN A 351 20.89 18.09 1.30
N LEU A 352 21.63 16.98 1.51
CA LEU A 352 22.51 16.79 2.68
C LEU A 352 23.98 16.59 2.31
N GLY A 353 24.28 16.47 1.01
CA GLY A 353 25.65 16.25 0.56
C GLY A 353 26.21 14.91 0.95
N TRP A 354 25.36 13.94 1.27
CA TRP A 354 25.82 12.68 1.80
C TRP A 354 26.35 11.74 0.70
N ASN A 355 27.33 10.91 1.07
CA ASN A 355 27.80 9.82 0.25
C ASN A 355 28.37 8.74 1.13
N PRO A 356 28.16 7.48 0.74
CA PRO A 356 28.71 6.39 1.52
C PRO A 356 30.21 6.26 1.26
N LYS A 357 31.01 6.38 2.32
CA LYS A 357 32.45 6.18 2.20
C LYS A 357 32.76 4.68 2.04
N THR A 358 32.07 3.82 2.78
CA THR A 358 32.61 2.45 3.05
C THR A 358 32.19 1.38 2.03
N SER A 359 33.22 0.62 1.64
CA SER A 359 33.17 -0.51 0.70
C SER A 359 32.40 -1.69 1.24
N LEU A 360 31.95 -2.56 0.34
CA LEU A 360 31.29 -3.80 0.77
C LEU A 360 32.30 -4.70 1.47
N TRP A 361 33.40 -5.02 0.78
CA TRP A 361 34.44 -5.82 1.40
C TRP A 361 34.88 -5.22 2.74
N ASP A 362 35.20 -3.92 2.76
CA ASP A 362 35.60 -3.28 4.00
C ASP A 362 34.52 -3.47 5.08
N LEU A 363 33.25 -3.17 4.78
CA LEU A 363 32.23 -3.25 5.80
C LEU A 363 31.98 -4.69 6.29
N LEU A 364 32.26 -5.69 5.44
CA LEU A 364 32.15 -7.09 5.88
C LEU A 364 33.33 -7.55 6.75
N GLU A 365 34.55 -7.15 6.38
CA GLU A 365 35.75 -7.30 7.24
C GLU A 365 35.37 -6.78 8.64
N SER A 366 34.83 -5.55 8.71
CA SER A 366 34.41 -4.93 9.97
C SER A 366 33.33 -5.76 10.65
N THR A 367 32.29 -6.08 9.90
CA THR A 367 31.12 -6.66 10.55
C THR A 367 31.45 -8.09 11.00
N LEU A 368 32.06 -8.89 10.12
CA LEU A 368 32.36 -10.28 10.48
C LEU A 368 33.41 -10.38 11.61
N THR A 369 34.36 -9.43 11.73
CA THR A 369 35.22 -9.44 12.93
C THR A 369 34.39 -9.23 14.21
N TYR A 370 33.48 -8.27 14.22
CA TYR A 370 32.55 -8.15 15.36
C TYR A 370 31.79 -9.47 15.62
N GLN A 371 31.39 -10.13 14.54
CA GLN A 371 30.61 -11.35 14.65
C GLN A 371 31.47 -12.48 15.23
N HIS A 372 32.69 -12.60 14.74
CA HIS A 372 33.58 -13.66 15.17
C HIS A 372 33.96 -13.46 16.64
N ARG A 373 34.35 -12.24 16.99
CA ARG A 373 34.74 -11.89 18.39
C ARG A 373 33.56 -12.02 19.35
N THR A 374 32.32 -11.92 18.86
CA THR A 374 31.18 -11.99 19.75
C THR A 374 30.63 -13.42 19.87
N TYR A 375 30.58 -14.18 18.78
CA TYR A 375 29.72 -15.36 18.77
C TYR A 375 30.47 -16.70 18.77
N ALA A 376 31.80 -16.69 18.71
CA ALA A 376 32.53 -17.92 18.45
C ALA A 376 32.75 -18.77 19.74
N GLU A 377 33.18 -18.16 20.87
CA GLU A 377 33.32 -18.94 22.13
C GLU A 377 31.91 -19.45 22.48
N ALA A 378 30.90 -18.59 22.34
CA ALA A 378 29.49 -18.93 22.57
C ALA A 378 28.99 -20.14 21.75
N VAL A 379 29.15 -20.07 20.43
CA VAL A 379 28.57 -21.06 19.46
C VAL A 379 29.28 -22.42 19.62
N LYS A 380 30.58 -22.40 20.06
CA LYS A 380 31.39 -23.60 20.53
C LYS A 380 30.66 -24.33 21.70
N LYS A 381 30.41 -23.61 22.81
CA LYS A 381 29.59 -24.10 23.98
C LYS A 381 28.08 -24.24 23.62
N ALA A 382 27.70 -25.18 22.72
CA ALA A 382 26.25 -25.35 22.34
C ALA A 382 26.05 -26.63 21.52
N VAL B 8 -32.36 -21.86 -6.76
CA VAL B 8 -31.38 -22.96 -6.98
C VAL B 8 -30.04 -22.35 -7.40
N ASP B 9 -28.96 -22.69 -6.68
CA ASP B 9 -27.56 -22.16 -7.00
C ASP B 9 -26.92 -22.88 -8.22
N LEU B 10 -25.69 -22.45 -8.62
CA LEU B 10 -24.92 -23.06 -9.71
C LEU B 10 -24.53 -24.52 -9.38
N ASP B 11 -23.86 -24.74 -8.22
CA ASP B 11 -23.49 -26.11 -7.70
C ASP B 11 -24.66 -27.07 -7.97
N GLY B 12 -25.90 -26.54 -7.88
CA GLY B 12 -27.17 -27.25 -8.15
C GLY B 12 -28.08 -27.17 -6.96
N LYS B 13 -27.50 -27.00 -5.76
CA LYS B 13 -28.23 -26.96 -4.48
C LYS B 13 -29.43 -26.00 -4.58
N PRO B 14 -30.33 -25.96 -3.58
CA PRO B 14 -31.36 -24.92 -3.55
C PRO B 14 -30.78 -23.73 -2.78
N ILE B 15 -31.32 -22.52 -2.94
CA ILE B 15 -30.80 -21.31 -2.21
C ILE B 15 -31.55 -21.05 -0.90
N GLN B 16 -30.94 -21.42 0.24
CA GLN B 16 -31.39 -20.96 1.58
C GLN B 16 -31.34 -19.43 1.60
N PRO B 17 -32.42 -18.78 2.05
CA PRO B 17 -32.45 -17.32 2.12
C PRO B 17 -31.60 -16.75 3.26
N LEU B 18 -31.27 -15.46 3.14
CA LEU B 18 -30.30 -14.83 4.01
C LEU B 18 -30.76 -13.45 4.45
N THR B 19 -30.45 -13.12 5.71
CA THR B 19 -30.40 -11.75 6.14
C THR B 19 -29.02 -11.23 5.72
N ILE B 20 -29.04 -10.11 4.99
CA ILE B 20 -27.83 -9.50 4.47
C ILE B 20 -27.70 -8.12 5.07
N CYS B 21 -26.57 -7.90 5.74
CA CYS B 21 -26.19 -6.57 6.21
C CYS B 21 -25.44 -5.86 5.08
N MET B 22 -26.04 -4.81 4.52
CA MET B 22 -25.43 -4.10 3.42
C MET B 22 -25.06 -2.69 3.90
N ILE B 23 -23.76 -2.38 3.88
CA ILE B 23 -23.21 -1.17 4.40
C ILE B 23 -22.85 -0.32 3.19
N GLY B 24 -23.27 0.94 3.19
CA GLY B 24 -23.15 1.80 2.01
C GLY B 24 -24.18 1.42 0.96
N ALA B 25 -25.36 1.07 1.48
CA ALA B 25 -26.44 0.43 0.72
C ALA B 25 -27.29 1.47 0.00
N GLY B 26 -27.21 2.73 0.44
CA GLY B 26 -27.85 3.81 -0.25
C GLY B 26 -27.03 4.42 -1.36
N GLY B 27 -25.85 3.84 -1.61
CA GLY B 27 -24.94 4.28 -2.66
C GLY B 27 -25.41 3.84 -4.03
N PHE B 28 -24.63 4.23 -5.03
CA PHE B 28 -24.83 3.82 -6.41
C PHE B 28 -24.93 2.28 -6.51
N ILE B 29 -23.87 1.58 -6.15
CA ILE B 29 -23.89 0.14 -6.27
C ILE B 29 -24.87 -0.42 -5.26
N GLY B 30 -24.87 0.13 -4.04
CA GLY B 30 -25.82 -0.32 -3.02
C GLY B 30 -27.27 -0.38 -3.49
N SER B 31 -27.70 0.71 -4.13
CA SER B 31 -29.08 0.90 -4.47
C SER B 31 -29.52 -0.13 -5.50
N HIS B 32 -28.72 -0.29 -6.55
CA HIS B 32 -29.04 -1.27 -7.59
C HIS B 32 -29.03 -2.69 -7.06
N LEU B 33 -28.19 -2.93 -6.06
CA LEU B 33 -28.10 -4.24 -5.45
C LEU B 33 -29.38 -4.57 -4.69
N CYS B 34 -29.84 -3.62 -3.85
CA CYS B 34 -31.12 -3.74 -3.15
C CYS B 34 -32.25 -4.13 -4.12
N GLU B 35 -32.27 -3.47 -5.28
CA GLU B 35 -33.26 -3.80 -6.31
C GLU B 35 -33.14 -5.23 -6.80
N LYS B 36 -31.96 -5.72 -7.16
CA LYS B 36 -31.89 -7.12 -7.65
C LYS B 36 -32.20 -8.10 -6.54
N LEU B 37 -31.92 -7.74 -5.29
CA LEU B 37 -32.17 -8.67 -4.20
C LEU B 37 -33.67 -8.77 -3.96
N LEU B 38 -34.30 -7.60 -3.88
CA LEU B 38 -35.74 -7.55 -3.66
C LEU B 38 -36.48 -8.24 -4.81
N THR B 39 -36.15 -7.89 -6.04
CA THR B 39 -36.93 -8.35 -7.18
C THR B 39 -36.61 -9.78 -7.64
N GLU B 40 -35.35 -10.20 -7.65
CA GLU B 40 -34.99 -11.50 -8.21
C GLU B 40 -34.73 -12.58 -7.12
N THR B 41 -34.87 -12.28 -5.80
CA THR B 41 -34.43 -13.27 -4.76
C THR B 41 -35.21 -13.24 -3.44
N PRO B 42 -35.10 -14.36 -2.68
CA PRO B 42 -35.69 -14.42 -1.34
C PRO B 42 -35.06 -13.59 -0.21
N HIS B 43 -33.94 -12.89 -0.42
CA HIS B 43 -33.11 -12.50 0.74
C HIS B 43 -33.65 -11.25 1.45
N LYS B 44 -33.35 -11.13 2.75
CA LYS B 44 -33.72 -9.98 3.55
C LYS B 44 -32.50 -9.05 3.60
N VAL B 45 -32.74 -7.74 3.48
CA VAL B 45 -31.67 -6.74 3.43
C VAL B 45 -31.75 -5.83 4.66
N LEU B 46 -30.62 -5.62 5.34
CA LEU B 46 -30.50 -4.55 6.28
C LEU B 46 -29.67 -3.46 5.61
N ALA B 47 -30.30 -2.33 5.29
CA ALA B 47 -29.63 -1.27 4.56
C ALA B 47 -29.08 -0.20 5.53
N LEU B 48 -27.74 -0.16 5.62
CA LEU B 48 -27.04 0.75 6.48
C LEU B 48 -26.32 1.78 5.60
N ASP B 49 -26.52 3.04 5.93
CA ASP B 49 -25.98 4.13 5.22
C ASP B 49 -26.24 5.38 6.03
N VAL B 50 -25.52 6.46 5.74
CA VAL B 50 -25.90 7.74 6.33
C VAL B 50 -27.06 8.37 5.59
N TYR B 51 -27.13 8.12 4.29
CA TYR B 51 -28.21 8.66 3.45
C TYR B 51 -28.96 7.53 2.77
N ASN B 52 -30.24 7.76 2.50
CA ASN B 52 -31.08 6.74 1.84
C ASN B 52 -31.69 7.31 0.54
N ASP B 53 -31.22 8.49 0.12
CA ASP B 53 -31.87 9.17 -1.01
C ASP B 53 -32.07 8.19 -2.16
N LYS B 54 -31.07 7.37 -2.50
CA LYS B 54 -31.18 6.50 -3.68
C LYS B 54 -32.02 5.21 -3.49
N ILE B 55 -32.52 5.01 -2.27
CA ILE B 55 -33.41 3.85 -1.97
C ILE B 55 -34.76 4.39 -1.50
N LYS B 56 -34.94 5.71 -1.49
CA LYS B 56 -36.22 6.33 -1.06
C LYS B 56 -37.35 5.70 -1.88
N HIS B 57 -37.20 5.67 -3.20
CA HIS B 57 -38.19 5.08 -4.15
C HIS B 57 -38.65 3.71 -3.65
N LEU B 58 -37.72 2.82 -3.28
CA LEU B 58 -38.10 1.48 -2.77
C LEU B 58 -38.14 1.51 -1.24
N LEU B 59 -38.77 2.52 -0.65
CA LEU B 59 -38.85 2.61 0.84
C LEU B 59 -40.14 3.32 1.26
N GLU B 60 -40.99 2.63 2.01
CA GLU B 60 -42.27 3.21 2.47
C GLU B 60 -42.41 2.97 3.98
N ARG B 69 -38.86 -7.19 4.09
CA ARG B 69 -37.53 -7.66 3.56
C ARG B 69 -36.50 -6.55 3.26
N ILE B 70 -36.77 -5.30 3.68
CA ILE B 70 -35.74 -4.27 3.67
C ILE B 70 -35.97 -3.26 4.80
N GLN B 71 -34.89 -2.84 5.45
CA GLN B 71 -34.94 -2.12 6.72
C GLN B 71 -33.80 -1.11 6.73
N PHE B 72 -34.10 0.17 6.51
CA PHE B 72 -33.05 1.19 6.59
C PHE B 72 -32.61 1.35 8.05
N HIS B 73 -31.34 1.70 8.24
CA HIS B 73 -30.81 2.05 9.55
C HIS B 73 -29.84 3.20 9.30
N ARG B 74 -30.23 4.45 9.58
CA ARG B 74 -29.32 5.58 9.41
C ARG B 74 -28.23 5.41 10.45
N ILE B 75 -27.10 4.81 10.03
CA ILE B 75 -25.94 4.51 10.90
C ILE B 75 -24.70 5.06 10.17
N ASN B 76 -23.77 5.65 10.93
CA ASN B 76 -22.50 6.05 10.47
C ASN B 76 -21.53 5.12 11.15
N ILE B 77 -20.75 4.38 10.35
CA ILE B 77 -19.91 3.33 10.92
C ILE B 77 -18.63 3.84 11.59
N LYS B 78 -18.31 5.13 11.44
CA LYS B 78 -17.16 5.68 12.03
C LYS B 78 -17.24 5.50 13.56
N HIS B 79 -18.39 5.80 14.17
CA HIS B 79 -18.55 5.44 15.54
C HIS B 79 -20.06 5.44 15.85
N ASP B 80 -20.53 4.21 16.03
CA ASP B 80 -21.93 3.86 16.32
C ASP B 80 -21.91 2.46 16.89
N SER B 81 -22.15 2.35 18.19
CA SER B 81 -22.22 1.04 18.84
C SER B 81 -23.13 0.11 18.12
N ARG B 82 -24.34 0.59 17.81
CA ARG B 82 -25.34 -0.17 17.04
C ARG B 82 -24.79 -1.23 16.03
N LEU B 83 -23.63 -0.94 15.41
CA LEU B 83 -23.13 -1.74 14.32
C LEU B 83 -22.94 -3.23 14.60
N GLU B 84 -22.16 -3.56 15.63
CA GLU B 84 -21.81 -4.97 15.86
C GLU B 84 -23.08 -5.84 15.94
N GLY B 85 -24.13 -5.29 16.57
CA GLY B 85 -25.39 -6.01 16.69
C GLY B 85 -26.09 -6.19 15.37
N LEU B 86 -26.11 -5.12 14.56
CA LEU B 86 -26.62 -5.20 13.19
C LEU B 86 -25.91 -6.28 12.38
N VAL B 87 -24.59 -6.39 12.54
CA VAL B 87 -23.79 -7.43 11.87
C VAL B 87 -24.19 -8.82 12.35
N LYS B 88 -24.16 -8.99 13.69
CA LYS B 88 -24.64 -10.22 14.32
C LYS B 88 -26.07 -10.57 13.88
N MET B 89 -26.89 -9.55 13.58
CA MET B 89 -28.29 -9.70 13.07
C MET B 89 -28.34 -10.46 11.73
N ALA B 90 -27.27 -10.40 10.92
CA ALA B 90 -27.28 -10.94 9.55
C ALA B 90 -26.40 -12.18 9.41
N ASP B 91 -26.54 -12.82 8.24
CA ASP B 91 -25.70 -13.95 7.85
C ASP B 91 -24.49 -13.51 7.01
N LEU B 92 -24.65 -12.39 6.31
CA LEU B 92 -23.71 -11.98 5.30
C LEU B 92 -23.60 -10.47 5.35
N ILE B 93 -22.37 -9.98 5.38
CA ILE B 93 -22.12 -8.57 5.41
C ILE B 93 -21.56 -8.20 4.02
N ILE B 94 -22.03 -7.09 3.46
CA ILE B 94 -21.50 -6.52 2.23
C ILE B 94 -21.10 -5.08 2.52
N ASN B 95 -19.82 -4.75 2.36
CA ASN B 95 -19.27 -3.45 2.75
C ASN B 95 -18.97 -2.68 1.46
N LEU B 96 -19.81 -1.69 1.18
CA LEU B 96 -19.59 -0.76 0.08
C LEU B 96 -19.12 0.62 0.57
N ALA B 97 -19.11 0.82 1.88
CA ALA B 97 -19.09 2.19 2.46
C ALA B 97 -17.70 2.77 2.31
N ALA B 98 -17.55 3.80 1.48
CA ALA B 98 -16.24 4.22 1.00
C ALA B 98 -16.33 5.53 0.23
N ILE B 99 -15.35 6.40 0.45
CA ILE B 99 -15.04 7.53 -0.41
C ILE B 99 -14.45 6.89 -1.66
N ALA B 100 -15.08 7.14 -2.84
CA ALA B 100 -14.56 6.54 -4.05
C ALA B 100 -14.57 7.45 -5.30
N THR B 101 -14.47 8.76 -5.07
CA THR B 101 -14.36 9.75 -6.17
C THR B 101 -12.89 10.15 -6.29
N PRO B 102 -12.21 9.86 -7.42
CA PRO B 102 -10.82 10.24 -7.62
C PRO B 102 -10.50 11.69 -7.24
N ALA B 103 -11.48 12.56 -7.51
CA ALA B 103 -11.43 13.96 -7.20
C ALA B 103 -10.72 14.29 -5.87
N ASP B 104 -11.07 13.60 -4.80
CA ASP B 104 -10.51 13.98 -3.48
C ASP B 104 -9.64 12.89 -2.85
N TYR B 105 -8.91 12.18 -3.71
CA TYR B 105 -7.84 11.32 -3.27
C TYR B 105 -6.60 12.16 -3.03
N ASN B 106 -6.38 13.17 -3.89
CA ASN B 106 -5.23 14.08 -3.70
C ASN B 106 -5.56 15.34 -2.93
N THR B 107 -6.84 15.50 -2.54
CA THR B 107 -7.27 16.74 -1.91
C THR B 107 -7.74 16.52 -0.46
N ARG B 108 -8.38 15.38 -0.20
CA ARG B 108 -8.60 14.93 1.17
C ARG B 108 -7.98 13.54 1.40
N PRO B 109 -6.63 13.43 1.19
CA PRO B 109 -5.95 12.15 1.31
C PRO B 109 -6.12 11.45 2.66
N LEU B 110 -6.16 12.21 3.74
CA LEU B 110 -6.36 11.60 5.05
C LEU B 110 -7.73 10.95 5.15
N ASP B 111 -8.79 11.73 4.88
CA ASP B 111 -10.17 11.23 4.94
C ASP B 111 -10.32 10.02 3.98
N THR B 112 -9.63 10.04 2.83
CA THR B 112 -9.69 8.94 1.86
C THR B 112 -9.15 7.64 2.45
N ILE B 113 -7.97 7.75 3.06
CA ILE B 113 -7.29 6.62 3.66
C ILE B 113 -8.10 6.09 4.83
N TYR B 114 -8.53 7.00 5.70
CA TYR B 114 -9.35 6.61 6.82
C TYR B 114 -10.62 5.91 6.34
N SER B 115 -11.23 6.44 5.28
CA SER B 115 -12.47 5.88 4.76
C SER B 115 -12.27 4.45 4.29
N ASN B 116 -11.27 4.27 3.42
CA ASN B 116 -11.10 3.03 2.67
C ASN B 116 -10.27 1.95 3.37
N PHE B 117 -9.44 2.35 4.32
CA PHE B 117 -8.77 1.39 5.19
C PHE B 117 -9.29 1.36 6.63
N ILE B 118 -9.12 2.45 7.36
CA ILE B 118 -9.31 2.39 8.82
C ILE B 118 -10.76 2.09 9.25
N ASP B 119 -11.72 2.78 8.63
CA ASP B 119 -13.13 2.70 9.00
C ASP B 119 -13.72 1.33 8.65
N ALA B 120 -13.09 0.60 7.74
CA ALA B 120 -13.54 -0.75 7.39
C ALA B 120 -13.08 -1.83 8.39
N LEU B 121 -12.04 -1.55 9.14
CA LEU B 121 -11.38 -2.55 9.99
C LEU B 121 -12.34 -3.15 11.00
N PRO B 122 -13.14 -2.32 11.69
CA PRO B 122 -14.15 -2.85 12.61
C PRO B 122 -15.08 -3.90 11.98
N VAL B 123 -15.58 -3.57 10.78
CA VAL B 123 -16.44 -4.46 9.97
C VAL B 123 -15.78 -5.85 9.84
N VAL B 124 -14.49 -5.82 9.56
CA VAL B 124 -13.70 -7.01 9.43
C VAL B 124 -13.47 -7.70 10.80
N LYS B 125 -13.22 -6.92 11.88
CA LYS B 125 -13.16 -7.47 13.26
C LYS B 125 -14.43 -8.29 13.51
N TYR B 126 -15.60 -7.68 13.33
CA TYR B 126 -16.86 -8.33 13.71
C TYR B 126 -17.17 -9.54 12.84
N CYS B 127 -16.96 -9.44 11.53
CA CYS B 127 -17.22 -10.59 10.67
C CYS B 127 -16.40 -11.82 11.06
N SER B 128 -15.13 -11.62 11.39
CA SER B 128 -14.26 -12.74 11.73
C SER B 128 -14.57 -13.30 13.13
N GLU B 129 -14.81 -12.40 14.07
CA GLU B 129 -15.13 -12.75 15.45
C GLU B 129 -16.39 -13.61 15.51
N ASN B 130 -17.45 -13.10 14.89
CA ASN B 130 -18.80 -13.68 14.93
C ASN B 130 -19.08 -14.66 13.77
N ASN B 131 -18.03 -15.09 13.06
CA ASN B 131 -18.10 -16.08 11.98
C ASN B 131 -19.21 -15.79 10.98
N LYS B 132 -19.19 -14.55 10.48
CA LYS B 132 -20.01 -14.12 9.38
C LYS B 132 -19.13 -14.04 8.12
N ARG B 133 -19.80 -14.23 6.98
CA ARG B 133 -19.18 -14.15 5.69
C ARG B 133 -19.14 -12.68 5.29
N LEU B 134 -18.02 -12.26 4.66
CA LEU B 134 -17.83 -10.86 4.25
C LEU B 134 -17.64 -10.76 2.73
N ILE B 135 -18.34 -9.80 2.12
CA ILE B 135 -18.05 -9.37 0.78
C ILE B 135 -17.56 -7.93 0.84
N HIS B 136 -16.27 -7.74 0.55
CA HIS B 136 -15.66 -6.41 0.55
C HIS B 136 -15.54 -5.91 -0.88
N PHE B 137 -15.93 -4.66 -1.10
CA PHE B 137 -15.81 -4.04 -2.37
C PHE B 137 -14.52 -3.26 -2.39
N SER B 138 -13.57 -3.74 -3.20
CA SER B 138 -12.36 -3.06 -3.46
C SER B 138 -12.51 -2.30 -4.79
N THR B 139 -11.51 -2.40 -5.70
CA THR B 139 -11.51 -1.65 -6.95
C THR B 139 -10.47 -2.21 -7.90
N CYS B 140 -10.66 -1.99 -9.19
CA CYS B 140 -9.64 -2.19 -10.22
C CYS B 140 -8.44 -1.22 -10.09
N GLU B 141 -8.61 -0.18 -9.29
CA GLU B 141 -7.46 0.73 -9.14
C GLU B 141 -6.35 -0.06 -8.45
N VAL B 142 -6.72 -1.00 -7.59
CA VAL B 142 -5.71 -1.70 -6.85
C VAL B 142 -4.55 -2.15 -7.76
N TYR B 143 -4.83 -2.54 -9.00
CA TYR B 143 -3.79 -2.82 -9.98
C TYR B 143 -3.00 -1.54 -10.32
N GLY B 144 -3.69 -0.40 -10.28
CA GLY B 144 -3.12 0.90 -10.59
C GLY B 144 -2.75 1.00 -12.06
N LYS B 145 -1.44 1.12 -12.30
CA LYS B 145 -0.89 1.26 -13.62
C LYS B 145 -0.49 -0.11 -14.15
N THR B 146 -0.55 -0.20 -15.48
CA THR B 146 -0.20 -1.37 -16.21
C THR B 146 1.28 -1.26 -16.39
N ILE B 147 1.95 -2.38 -16.17
CA ILE B 147 3.38 -2.53 -16.58
C ILE B 147 3.74 -1.99 -17.96
N GLY B 148 2.88 -2.25 -18.96
CA GLY B 148 3.06 -1.74 -20.31
C GLY B 148 3.29 -0.25 -20.40
N SER B 149 2.75 0.49 -19.42
CA SER B 149 2.76 1.94 -19.44
C SER B 149 4.17 2.53 -19.38
N PHE B 150 5.14 1.72 -18.94
CA PHE B 150 6.51 2.19 -18.76
C PHE B 150 7.44 1.87 -19.95
N LEU B 151 6.92 1.13 -20.92
CA LEU B 151 7.68 0.84 -22.10
C LEU B 151 7.62 2.10 -22.96
N PRO B 152 8.62 2.29 -23.85
CA PRO B 152 8.64 3.40 -24.82
C PRO B 152 7.36 3.53 -25.67
N LYS B 153 7.08 4.75 -26.17
CA LYS B 153 5.86 4.98 -26.98
C LYS B 153 5.92 4.01 -28.15
N ASP B 154 4.79 3.36 -28.42
CA ASP B 154 4.70 2.43 -29.54
C ASP B 154 5.78 1.32 -29.52
N HIS B 155 6.28 0.91 -28.34
CA HIS B 155 7.17 -0.27 -28.24
C HIS B 155 6.32 -1.53 -28.40
N PRO B 156 6.73 -2.47 -29.27
CA PRO B 156 5.96 -3.71 -29.55
C PRO B 156 5.48 -4.53 -28.35
N LEU B 157 6.26 -4.54 -27.27
CA LEU B 157 5.85 -5.27 -26.09
C LEU B 157 4.50 -4.79 -25.51
N ARG B 158 4.11 -3.56 -25.83
CA ARG B 158 2.80 -3.04 -25.38
C ARG B 158 1.65 -3.85 -25.94
N ASP B 159 1.84 -4.45 -27.13
CA ASP B 159 0.84 -5.31 -27.72
C ASP B 159 0.70 -6.67 -27.02
N ASP B 160 1.68 -7.14 -26.24
CA ASP B 160 1.58 -8.44 -25.56
C ASP B 160 0.66 -8.29 -24.37
N PRO B 161 -0.48 -9.00 -24.32
CA PRO B 161 -1.40 -8.94 -23.19
C PRO B 161 -0.74 -9.13 -21.84
N ALA B 162 0.34 -9.89 -21.88
CA ALA B 162 1.30 -9.97 -20.79
C ALA B 162 1.51 -8.65 -20.04
N PHE B 163 1.47 -7.53 -20.76
CA PHE B 163 1.79 -6.25 -20.19
C PHE B 163 0.59 -5.36 -19.84
N TYR B 164 -0.66 -5.72 -20.23
CA TYR B 164 -1.78 -4.85 -19.81
C TYR B 164 -3.04 -5.48 -19.17
N VAL B 165 -3.22 -6.77 -19.38
CA VAL B 165 -4.32 -7.49 -18.78
C VAL B 165 -4.05 -7.58 -17.30
N LEU B 166 -5.11 -7.50 -16.52
CA LEU B 166 -4.99 -7.42 -15.10
C LEU B 166 -5.61 -8.68 -14.52
N LYS B 167 -4.77 -9.69 -14.29
CA LYS B 167 -5.21 -10.96 -13.73
C LYS B 167 -5.14 -10.86 -12.20
N GLU B 168 -6.19 -11.37 -11.54
CA GLU B 168 -6.42 -11.08 -10.12
C GLU B 168 -5.45 -11.83 -9.19
N ASP B 169 -5.09 -13.06 -9.55
CA ASP B 169 -4.18 -13.86 -8.75
C ASP B 169 -2.69 -13.57 -8.93
N ILE B 170 -2.30 -12.83 -9.98
CA ILE B 170 -0.83 -12.64 -10.29
C ILE B 170 -0.38 -11.24 -10.74
N SER B 171 -1.21 -10.46 -11.41
CA SER B 171 -0.74 -9.14 -11.81
C SER B 171 -0.38 -8.24 -10.61
N PRO B 172 0.61 -7.35 -10.78
CA PRO B 172 1.07 -6.56 -9.65
C PRO B 172 0.20 -5.33 -9.39
N CYS B 173 0.34 -4.79 -8.20
CA CYS B 173 -0.20 -3.51 -7.83
C CYS B 173 0.89 -2.46 -8.05
N ILE B 174 0.70 -1.63 -9.05
CA ILE B 174 1.69 -0.62 -9.41
C ILE B 174 1.14 0.79 -9.22
N PHE B 175 1.71 1.51 -8.27
CA PHE B 175 1.30 2.89 -8.04
C PHE B 175 2.45 3.84 -8.28
N GLY B 176 2.10 5.10 -8.50
CA GLY B 176 3.01 6.25 -8.49
C GLY B 176 3.76 6.46 -7.19
N SER B 177 4.71 7.41 -7.25
CA SER B 177 5.48 7.73 -6.07
C SER B 177 4.54 8.34 -5.01
N ILE B 178 5.06 8.60 -3.82
CA ILE B 178 4.23 8.99 -2.68
C ILE B 178 3.56 10.35 -2.92
N GLU B 179 4.34 11.27 -3.48
CA GLU B 179 3.90 12.63 -3.80
C GLU B 179 2.65 12.61 -4.69
N LYS B 180 2.48 11.56 -5.51
CA LYS B 180 1.26 11.36 -6.28
C LYS B 180 0.19 10.81 -5.35
N GLN B 181 -0.48 11.75 -4.74
CA GLN B 181 -1.47 11.46 -3.71
C GLN B 181 -2.75 10.78 -4.23
N ARG B 182 -3.00 10.75 -5.53
CA ARG B 182 -4.16 9.97 -6.00
C ARG B 182 -4.13 8.49 -5.55
N TRP B 183 -2.92 7.99 -5.33
CA TRP B 183 -2.79 6.60 -4.98
C TRP B 183 -3.12 6.37 -3.49
N SER B 184 -3.27 7.44 -2.72
CA SER B 184 -3.85 7.35 -1.37
C SER B 184 -4.99 6.33 -1.34
N TYR B 185 -5.95 6.52 -2.25
CA TYR B 185 -7.11 5.65 -2.34
C TYR B 185 -6.71 4.22 -2.67
N ALA B 186 -5.94 4.06 -3.76
CA ALA B 186 -5.56 2.72 -4.15
C ALA B 186 -4.75 1.97 -3.08
N CYS B 187 -3.83 2.66 -2.40
CA CYS B 187 -2.97 2.02 -1.43
C CYS B 187 -3.77 1.56 -0.22
N ALA B 188 -4.74 2.37 0.17
CA ALA B 188 -5.65 1.99 1.24
C ALA B 188 -6.45 0.74 0.86
N LYS B 189 -6.97 0.76 -0.37
CA LYS B 189 -7.74 -0.38 -0.85
C LYS B 189 -6.85 -1.62 -0.93
N GLN B 190 -5.61 -1.44 -1.38
CA GLN B 190 -4.66 -2.54 -1.43
C GLN B 190 -4.49 -3.12 -0.03
N LEU B 191 -4.24 -2.29 0.97
CA LEU B 191 -3.96 -2.80 2.30
C LEU B 191 -5.19 -3.50 2.89
N ILE B 192 -6.38 -2.95 2.66
CA ILE B 192 -7.55 -3.59 3.21
C ILE B 192 -7.77 -4.98 2.59
N GLU B 193 -7.42 -5.13 1.30
CA GLU B 193 -7.50 -6.41 0.64
C GLU B 193 -6.51 -7.37 1.27
N ARG B 194 -5.30 -6.85 1.50
CA ARG B 194 -4.25 -7.67 2.05
C ARG B 194 -4.59 -8.15 3.45
N LEU B 195 -5.25 -7.29 4.19
CA LEU B 195 -5.67 -7.61 5.55
C LEU B 195 -6.82 -8.62 5.54
N VAL B 196 -7.78 -8.42 4.65
CA VAL B 196 -8.91 -9.31 4.55
C VAL B 196 -8.44 -10.72 4.16
N TYR B 197 -7.54 -10.76 3.20
CA TYR B 197 -6.94 -12.00 2.74
C TYR B 197 -6.13 -12.66 3.87
N ALA B 198 -5.39 -11.83 4.60
CA ALA B 198 -4.62 -12.29 5.73
C ALA B 198 -5.54 -12.87 6.80
N GLU B 199 -6.60 -12.15 7.13
CA GLU B 199 -7.59 -12.59 8.10
C GLU B 199 -8.26 -13.88 7.65
N GLY B 200 -8.43 -14.04 6.35
CA GLY B 200 -8.91 -15.29 5.77
C GLY B 200 -7.91 -16.42 5.92
N ALA B 201 -6.63 -16.07 5.99
CA ALA B 201 -5.55 -17.08 6.11
C ALA B 201 -5.26 -17.37 7.59
N GLU B 202 -4.69 -16.38 8.30
CA GLU B 202 -4.36 -16.54 9.74
C GLU B 202 -5.63 -17.04 10.45
N ASN B 203 -6.71 -16.26 10.37
CA ASN B 203 -8.01 -16.70 10.94
C ASN B 203 -8.83 -17.35 9.83
N GLY B 204 -10.01 -17.90 10.14
CA GLY B 204 -10.72 -18.61 9.07
C GLY B 204 -11.73 -17.84 8.23
N LEU B 205 -11.63 -16.51 8.14
CA LEU B 205 -12.70 -15.71 7.53
C LEU B 205 -13.13 -16.19 6.13
N GLU B 206 -14.45 -16.38 5.98
CA GLU B 206 -15.05 -16.64 4.70
C GLU B 206 -15.25 -15.26 4.09
N PHE B 207 -14.70 -15.07 2.90
CA PHE B 207 -14.83 -13.78 2.25
C PHE B 207 -14.72 -13.86 0.74
N THR B 208 -15.16 -12.78 0.13
CA THR B 208 -15.02 -12.56 -1.30
C THR B 208 -14.67 -11.09 -1.52
N ILE B 209 -13.75 -10.80 -2.44
CA ILE B 209 -13.43 -9.43 -2.76
C ILE B 209 -13.78 -9.15 -4.21
N VAL B 210 -14.38 -7.97 -4.41
CA VAL B 210 -14.89 -7.51 -5.70
C VAL B 210 -14.07 -6.32 -6.19
N ARG B 211 -13.57 -6.41 -7.42
CA ARG B 211 -12.88 -5.32 -8.06
C ARG B 211 -13.69 -4.87 -9.25
N PRO B 212 -14.58 -3.89 -9.03
CA PRO B 212 -15.27 -3.24 -10.12
C PRO B 212 -14.28 -2.56 -11.04
N PHE B 213 -14.45 -2.81 -12.34
CA PHE B 213 -13.87 -2.01 -13.39
C PHE B 213 -14.98 -1.13 -13.87
N ASN B 214 -15.01 0.12 -13.41
CA ASN B 214 -15.81 1.18 -14.05
C ASN B 214 -17.26 0.73 -14.33
N TRP B 215 -18.03 0.48 -13.28
CA TRP B 215 -19.43 0.15 -13.46
C TRP B 215 -20.26 1.40 -13.80
N ILE B 216 -21.09 1.29 -14.83
CA ILE B 216 -21.82 2.45 -15.35
C ILE B 216 -23.32 2.18 -15.32
N GLY B 217 -24.08 3.23 -14.97
CA GLY B 217 -25.54 3.11 -14.92
C GLY B 217 -26.24 4.21 -14.10
N PRO B 218 -27.57 4.07 -13.94
CA PRO B 218 -28.45 5.07 -13.35
C PRO B 218 -28.05 6.01 -12.21
N ARG B 219 -27.97 5.59 -11.00
CA ARG B 219 -27.82 6.61 -9.89
C ARG B 219 -26.33 6.85 -9.45
N MET B 220 -25.42 6.88 -10.43
CA MET B 220 -23.99 7.03 -10.15
C MET B 220 -23.71 8.48 -9.75
N ASP B 221 -23.17 8.67 -8.55
CA ASP B 221 -22.63 9.99 -8.13
C ASP B 221 -23.79 11.00 -8.09
N PHE B 222 -23.58 12.21 -8.67
CA PHE B 222 -24.56 13.24 -8.63
C PHE B 222 -24.35 14.17 -9.83
N ILE B 223 -25.40 14.89 -10.19
CA ILE B 223 -25.24 16.08 -11.04
C ILE B 223 -24.98 17.27 -10.11
N PRO B 224 -23.87 18.00 -10.34
CA PRO B 224 -23.51 19.13 -9.49
C PRO B 224 -24.58 20.22 -9.58
N GLY B 225 -25.02 20.72 -8.41
CA GLY B 225 -26.01 21.82 -8.35
C GLY B 225 -27.45 21.34 -8.38
N ILE B 226 -27.67 20.07 -8.68
CA ILE B 226 -29.05 19.51 -8.75
C ILE B 226 -29.13 18.35 -7.76
N ASP B 227 -28.21 17.39 -7.89
CA ASP B 227 -28.20 16.21 -7.01
C ASP B 227 -27.09 16.37 -5.95
N GLY B 228 -26.20 17.34 -6.14
CA GLY B 228 -25.10 17.54 -5.18
C GLY B 228 -24.48 18.91 -5.26
N PRO B 229 -23.33 19.14 -4.59
CA PRO B 229 -22.68 20.45 -4.57
C PRO B 229 -22.37 21.00 -5.97
N SER B 230 -22.62 22.29 -6.17
CA SER B 230 -22.37 22.99 -7.42
C SER B 230 -20.90 22.83 -7.83
N GLU B 231 -19.99 22.88 -6.86
CA GLU B 231 -18.58 22.78 -7.20
C GLU B 231 -18.01 21.37 -7.01
N GLY B 232 -18.83 20.36 -6.71
CA GLY B 232 -18.40 18.94 -6.66
C GLY B 232 -17.91 18.33 -7.98
N VAL B 233 -17.12 17.25 -7.86
CA VAL B 233 -16.45 16.63 -9.02
C VAL B 233 -16.52 15.11 -8.93
N PRO B 234 -17.46 14.51 -9.68
CA PRO B 234 -17.62 13.09 -9.59
C PRO B 234 -16.83 12.34 -10.67
N ARG B 235 -17.33 11.14 -10.96
CA ARG B 235 -16.69 10.29 -11.93
C ARG B 235 -17.19 10.70 -13.28
N VAL B 236 -16.47 10.19 -14.27
CA VAL B 236 -16.65 10.59 -15.65
C VAL B 236 -18.10 10.46 -16.16
N LEU B 237 -18.84 9.42 -15.77
CA LEU B 237 -20.19 9.35 -16.23
C LEU B 237 -20.97 10.60 -15.84
N ALA B 238 -21.03 10.88 -14.54
CA ALA B 238 -21.78 12.01 -14.00
C ALA B 238 -21.24 13.35 -14.58
N CYS B 239 -19.92 13.48 -14.65
CA CYS B 239 -19.28 14.69 -15.15
C CYS B 239 -19.73 15.01 -16.59
N PHE B 240 -19.58 14.02 -17.47
CA PHE B 240 -20.01 14.18 -18.84
C PHE B 240 -21.54 14.27 -18.94
N SER B 241 -22.27 13.52 -18.12
CA SER B 241 -23.72 13.68 -18.09
C SER B 241 -24.07 15.15 -17.87
N ASN B 242 -23.49 15.78 -16.84
CA ASN B 242 -23.75 17.20 -16.60
C ASN B 242 -23.38 18.09 -17.81
N ASN B 243 -22.25 17.83 -18.46
CA ASN B 243 -21.86 18.60 -19.63
C ASN B 243 -22.90 18.57 -20.77
N LEU B 244 -23.50 17.41 -20.99
CA LEU B 244 -24.43 17.24 -22.07
C LEU B 244 -25.76 17.91 -21.74
N LEU B 245 -26.22 17.71 -20.49
CA LEU B 245 -27.43 18.33 -19.96
C LEU B 245 -27.35 19.84 -19.94
N ARG B 246 -26.27 20.36 -19.39
CA ARG B 246 -25.99 21.78 -19.37
C ARG B 246 -25.53 22.26 -20.77
N ARG B 247 -25.47 21.39 -21.77
CA ARG B 247 -25.15 21.78 -23.17
C ARG B 247 -23.74 22.37 -23.34
N GLU B 248 -22.89 22.20 -22.34
CA GLU B 248 -21.47 22.60 -22.40
C GLU B 248 -20.69 21.49 -23.09
N PRO B 249 -19.42 21.78 -23.47
CA PRO B 249 -18.52 20.74 -23.92
C PRO B 249 -18.01 19.88 -22.78
N LEU B 250 -17.52 18.68 -23.14
CA LEU B 250 -17.00 17.72 -22.19
C LEU B 250 -15.52 18.01 -21.97
N LYS B 251 -15.16 18.30 -20.71
CA LYS B 251 -13.75 18.59 -20.34
C LYS B 251 -12.95 17.29 -20.32
N LEU B 252 -11.95 17.19 -21.20
CA LEU B 252 -11.08 15.99 -21.30
C LEU B 252 -9.73 16.17 -20.65
N VAL B 253 -9.47 15.46 -19.56
CA VAL B 253 -8.26 15.68 -18.71
C VAL B 253 -7.00 15.20 -19.41
N ASP B 254 -6.06 16.11 -19.68
CA ASP B 254 -4.86 15.86 -20.46
C ASP B 254 -5.16 15.09 -21.75
N GLY B 255 -6.20 15.52 -22.45
CA GLY B 255 -6.59 14.98 -23.75
C GLY B 255 -7.28 13.63 -23.71
N GLY B 256 -7.70 13.22 -22.53
CA GLY B 256 -8.50 12.01 -22.31
C GLY B 256 -7.98 10.74 -22.97
N GLU B 257 -6.65 10.60 -22.96
CA GLU B 257 -5.99 9.47 -23.64
C GLU B 257 -5.96 8.19 -22.79
N SER B 258 -6.23 8.24 -21.48
CA SER B 258 -6.35 7.00 -20.69
C SER B 258 -7.47 6.15 -21.28
N GLN B 259 -7.40 4.83 -21.06
CA GLN B 259 -8.41 3.91 -21.47
C GLN B 259 -9.12 3.28 -20.27
N ARG B 260 -10.36 2.84 -20.51
CA ARG B 260 -11.11 2.18 -19.49
C ARG B 260 -12.04 1.17 -20.12
N THR B 261 -12.52 0.23 -19.31
CA THR B 261 -13.55 -0.68 -19.72
C THR B 261 -14.77 -0.59 -18.81
N PHE B 262 -15.86 -0.16 -19.41
CA PHE B 262 -17.10 0.00 -18.74
C PHE B 262 -18.02 -1.23 -18.84
N VAL B 263 -18.72 -1.56 -17.75
CA VAL B 263 -19.66 -2.65 -17.77
C VAL B 263 -21.03 -2.10 -17.35
N TYR B 264 -22.12 -2.59 -17.96
CA TYR B 264 -23.44 -2.09 -17.56
C TYR B 264 -23.73 -2.50 -16.10
N ILE B 265 -24.27 -1.58 -15.32
CA ILE B 265 -24.49 -1.83 -13.90
C ILE B 265 -25.33 -3.10 -13.71
N ASN B 266 -26.31 -3.32 -14.57
CA ASN B 266 -27.12 -4.52 -14.47
C ASN B 266 -26.30 -5.79 -14.65
N ASP B 267 -25.46 -5.82 -15.70
CA ASP B 267 -24.57 -6.96 -15.90
C ASP B 267 -23.76 -7.24 -14.63
N ALA B 268 -23.21 -6.19 -14.02
CA ALA B 268 -22.34 -6.33 -12.84
C ALA B 268 -23.09 -6.89 -11.64
N ILE B 269 -24.31 -6.42 -11.41
CA ILE B 269 -25.05 -6.86 -10.24
C ILE B 269 -25.33 -8.37 -10.29
N GLU B 270 -25.50 -8.90 -11.51
CA GLU B 270 -25.71 -10.33 -11.70
C GLU B 270 -24.49 -11.04 -11.12
N ALA B 271 -23.30 -10.56 -11.47
CA ALA B 271 -22.07 -11.09 -10.91
C ALA B 271 -22.14 -11.13 -9.38
N VAL B 272 -22.45 -10.00 -8.77
CA VAL B 272 -22.47 -9.95 -7.33
C VAL B 272 -23.42 -10.97 -6.72
N LEU B 273 -24.58 -11.13 -7.36
CA LEU B 273 -25.59 -12.07 -6.91
C LEU B 273 -25.04 -13.50 -6.88
N LEU B 274 -24.36 -13.86 -7.97
CA LEU B 274 -23.78 -15.18 -8.15
C LEU B 274 -22.82 -15.51 -7.02
N MET B 275 -22.14 -14.48 -6.52
CA MET B 275 -21.19 -14.61 -5.47
C MET B 275 -21.89 -14.83 -4.15
N ILE B 276 -23.03 -14.18 -4.00
CA ILE B 276 -23.75 -14.26 -2.78
C ILE B 276 -24.34 -15.65 -2.66
N GLU B 277 -24.94 -16.08 -3.76
CA GLU B 277 -25.65 -17.31 -3.78
C GLU B 277 -24.79 -18.51 -4.12
N ASN B 278 -23.48 -18.35 -4.15
CA ASN B 278 -22.65 -19.49 -4.47
C ASN B 278 -21.35 -19.51 -3.72
N PRO B 279 -21.39 -19.42 -2.39
CA PRO B 279 -20.22 -19.33 -1.53
C PRO B 279 -19.22 -20.46 -1.71
N GLU B 280 -19.68 -21.67 -2.07
CA GLU B 280 -18.82 -22.76 -2.33
C GLU B 280 -17.78 -22.32 -3.39
N ARG B 281 -18.15 -21.35 -4.22
CA ARG B 281 -17.22 -20.96 -5.27
C ARG B 281 -16.62 -19.56 -5.18
N ALA B 282 -17.15 -18.77 -4.27
CA ALA B 282 -16.74 -17.39 -4.13
C ALA B 282 -15.88 -17.15 -2.89
N ASN B 283 -16.10 -17.96 -1.84
CA ASN B 283 -15.29 -17.85 -0.66
C ASN B 283 -13.85 -18.12 -1.06
N GLY B 284 -12.94 -17.30 -0.55
CA GLY B 284 -11.57 -17.45 -0.92
C GLY B 284 -11.16 -16.40 -1.93
N HIS B 285 -11.92 -16.24 -3.03
CA HIS B 285 -11.42 -15.53 -4.25
C HIS B 285 -11.58 -14.00 -4.31
N ILE B 286 -10.80 -13.41 -5.24
CA ILE B 286 -10.89 -12.02 -5.66
C ILE B 286 -11.34 -12.00 -7.11
N PHE B 287 -12.25 -11.07 -7.45
CA PHE B 287 -12.97 -11.10 -8.73
C PHE B 287 -12.96 -9.74 -9.45
N ASN B 288 -12.43 -9.75 -10.67
CA ASN B 288 -12.58 -8.66 -11.59
C ASN B 288 -13.99 -8.69 -12.13
N VAL B 289 -14.76 -7.65 -11.84
CA VAL B 289 -16.00 -7.51 -12.49
C VAL B 289 -15.86 -6.35 -13.48
N GLY B 290 -15.74 -6.72 -14.76
CA GLY B 290 -15.69 -5.72 -15.81
C GLY B 290 -16.00 -6.37 -17.14
N ASN B 291 -16.06 -5.55 -18.19
CA ASN B 291 -16.48 -5.99 -19.48
C ASN B 291 -15.41 -5.61 -20.47
N PRO B 292 -14.58 -6.57 -20.85
CA PRO B 292 -13.37 -6.27 -21.58
C PRO B 292 -13.65 -5.77 -22.98
N ASN B 293 -14.86 -6.01 -23.45
CA ASN B 293 -15.18 -5.69 -24.82
C ASN B 293 -15.51 -4.21 -25.01
N ASN B 294 -15.96 -3.58 -23.93
CA ASN B 294 -16.32 -2.17 -23.93
C ASN B 294 -15.11 -1.31 -23.53
N GLU B 295 -13.97 -1.41 -24.22
CA GLU B 295 -12.87 -0.50 -23.95
C GLU B 295 -12.98 0.74 -24.83
N VAL B 296 -12.71 1.90 -24.24
CA VAL B 296 -12.50 3.14 -24.97
C VAL B 296 -11.52 4.02 -24.21
N THR B 297 -10.92 4.96 -24.94
CA THR B 297 -10.26 6.11 -24.36
C THR B 297 -11.31 7.02 -23.80
N VAL B 298 -10.88 8.01 -23.04
CA VAL B 298 -11.82 8.91 -22.48
C VAL B 298 -12.35 9.84 -23.59
N ARG B 299 -11.48 10.24 -24.53
CA ARG B 299 -11.94 11.06 -25.68
C ARG B 299 -13.06 10.32 -26.42
N GLN B 300 -12.94 8.99 -26.57
CA GLN B 300 -13.93 8.17 -27.23
C GLN B 300 -15.24 8.09 -26.44
N LEU B 301 -15.14 7.84 -25.14
CA LEU B 301 -16.30 7.87 -24.30
C LEU B 301 -17.06 9.17 -24.51
N ALA B 302 -16.34 10.29 -24.54
CA ALA B 302 -16.95 11.60 -24.73
C ALA B 302 -17.65 11.72 -26.09
N GLU B 303 -16.93 11.38 -27.16
CA GLU B 303 -17.52 11.36 -28.49
C GLU B 303 -18.75 10.45 -28.48
N MET B 304 -18.60 9.23 -27.99
CA MET B 304 -19.71 8.30 -28.03
C MET B 304 -20.90 8.79 -27.22
N MET B 305 -20.65 9.51 -26.14
CA MET B 305 -21.72 9.95 -25.29
C MET B 305 -22.45 11.11 -25.93
N THR B 306 -21.71 12.02 -26.58
CA THR B 306 -22.38 13.11 -27.28
C THR B 306 -23.30 12.53 -28.40
N GLU B 307 -22.80 11.53 -29.14
CA GLU B 307 -23.59 10.91 -30.21
C GLU B 307 -24.89 10.33 -29.65
N VAL B 308 -24.76 9.41 -28.70
CA VAL B 308 -25.91 8.82 -28.04
C VAL B 308 -26.85 9.89 -27.49
N TYR B 309 -26.29 10.91 -26.85
CA TYR B 309 -27.12 11.90 -26.20
C TYR B 309 -27.94 12.68 -27.24
N ALA B 310 -27.30 13.09 -28.33
CA ALA B 310 -28.06 13.67 -29.45
C ALA B 310 -29.23 12.76 -29.86
N LYS B 311 -28.99 11.45 -30.00
CA LYS B 311 -30.05 10.48 -30.31
C LYS B 311 -31.13 10.62 -29.23
N VAL B 312 -30.75 10.39 -27.98
CA VAL B 312 -31.70 10.40 -26.86
C VAL B 312 -32.41 11.77 -26.68
N SER B 313 -31.71 12.89 -26.84
CA SER B 313 -32.23 14.20 -26.51
C SER B 313 -33.19 14.72 -27.58
N GLY B 314 -32.93 14.38 -28.83
CA GLY B 314 -33.47 15.12 -29.93
C GLY B 314 -32.41 16.10 -30.33
N GLU B 315 -32.15 17.09 -29.46
CA GLU B 315 -31.13 18.16 -29.71
C GLU B 315 -29.81 17.58 -30.31
N GLY B 316 -29.13 18.37 -31.13
CA GLY B 316 -28.08 17.83 -32.03
C GLY B 316 -26.70 17.88 -31.40
N ALA B 317 -25.67 18.26 -32.21
CA ALA B 317 -24.25 18.38 -31.85
C ALA B 317 -23.97 19.51 -30.84
N ILE B 318 -22.70 19.86 -30.65
CA ILE B 318 -22.24 21.22 -30.17
C ILE B 318 -21.06 21.63 -31.08
N GLU B 319 -20.69 22.92 -31.13
CA GLU B 319 -19.67 23.41 -32.16
C GLU B 319 -18.36 22.58 -32.10
N SER B 320 -17.50 22.72 -31.05
CA SER B 320 -16.58 21.68 -30.60
C SER B 320 -17.25 21.06 -29.37
N PRO B 321 -17.56 19.75 -29.39
CA PRO B 321 -18.24 19.10 -28.24
C PRO B 321 -17.31 18.67 -27.10
N THR B 322 -16.01 18.87 -27.26
CA THR B 322 -15.09 18.62 -26.19
C THR B 322 -14.00 19.64 -26.21
N VAL B 323 -13.25 19.60 -25.13
CA VAL B 323 -12.11 20.46 -24.93
C VAL B 323 -11.12 19.84 -23.95
N ASP B 324 -9.84 20.04 -24.24
CA ASP B 324 -8.76 19.57 -23.37
C ASP B 324 -8.61 20.49 -22.19
N VAL B 325 -8.11 19.95 -21.09
CA VAL B 325 -7.91 20.70 -19.86
C VAL B 325 -6.78 20.02 -19.08
N SER B 326 -5.87 20.78 -18.45
CA SER B 326 -4.76 20.19 -17.72
C SER B 326 -5.27 19.58 -16.42
N SER B 327 -4.63 18.48 -15.99
CA SER B 327 -4.99 17.84 -14.73
C SER B 327 -4.59 18.70 -13.53
N LYS B 328 -3.55 19.54 -13.67
CA LYS B 328 -3.30 20.58 -12.66
C LYS B 328 -4.62 21.35 -12.51
N GLU B 329 -5.14 21.91 -13.62
CA GLU B 329 -6.38 22.73 -13.62
C GLU B 329 -7.58 21.93 -13.09
N PHE B 330 -7.76 20.71 -13.60
CA PHE B 330 -8.95 19.93 -13.28
C PHE B 330 -8.91 19.27 -11.89
N TYR B 331 -7.95 18.37 -11.66
CA TYR B 331 -7.97 17.45 -10.51
C TYR B 331 -7.14 18.01 -9.34
N GLY B 332 -6.20 18.92 -9.65
CA GLY B 332 -5.30 19.46 -8.68
C GLY B 332 -3.91 18.82 -8.68
N GLU B 333 -3.27 18.90 -7.52
CA GLU B 333 -1.82 18.95 -7.34
C GLU B 333 -1.12 17.64 -7.71
N GLY B 334 -1.50 16.58 -6.98
CA GLY B 334 -0.79 15.29 -7.07
C GLY B 334 -1.52 14.23 -7.87
N TYR B 335 -2.22 14.61 -8.95
CA TYR B 335 -2.95 13.67 -9.77
C TYR B 335 -1.95 12.75 -10.49
N ASP B 336 -2.32 11.49 -10.64
CA ASP B 336 -1.67 10.50 -11.47
C ASP B 336 -2.82 9.64 -12.02
N ASP B 337 -2.60 8.68 -12.93
CA ASP B 337 -3.79 8.05 -13.46
C ASP B 337 -3.55 6.60 -13.90
N SER B 338 -4.56 5.76 -13.65
CA SER B 338 -4.60 4.44 -14.20
C SER B 338 -4.70 4.58 -15.73
N ASP B 339 -3.93 3.77 -16.47
CA ASP B 339 -3.67 4.11 -17.86
C ASP B 339 -4.60 3.27 -18.74
N LYS B 340 -4.76 2.01 -18.33
CA LYS B 340 -5.48 1.00 -19.11
C LYS B 340 -5.97 -0.13 -18.18
N ARG B 341 -7.28 -0.15 -18.03
CA ARG B 341 -7.96 -1.20 -17.36
C ARG B 341 -8.55 -2.08 -18.43
N ILE B 342 -8.27 -3.38 -18.31
CA ILE B 342 -8.76 -4.43 -19.10
C ILE B 342 -8.73 -5.66 -18.23
N PRO B 343 -9.89 -6.08 -17.69
CA PRO B 343 -9.98 -7.16 -16.71
C PRO B 343 -9.71 -8.53 -17.33
N ASP B 344 -9.47 -9.53 -16.50
CA ASP B 344 -9.02 -10.78 -17.07
C ASP B 344 -10.13 -11.82 -17.20
N MET B 345 -10.90 -12.01 -16.17
CA MET B 345 -12.12 -12.85 -16.31
C MET B 345 -11.91 -14.38 -16.23
N THR B 346 -10.68 -14.88 -16.19
CA THR B 346 -10.52 -16.28 -16.19
C THR B 346 -11.08 -16.81 -14.90
N ILE B 347 -10.75 -16.14 -13.79
CA ILE B 347 -11.17 -16.59 -12.51
C ILE B 347 -12.69 -16.53 -12.39
N ILE B 348 -13.25 -15.32 -12.50
CA ILE B 348 -14.67 -15.13 -12.35
C ILE B 348 -15.42 -16.05 -13.31
N ASN B 349 -15.00 -16.04 -14.56
CA ASN B 349 -15.64 -16.86 -15.54
C ASN B 349 -15.60 -18.34 -15.12
N ARG B 350 -14.46 -18.81 -14.62
CA ARG B 350 -14.37 -20.19 -14.15
C ARG B 350 -15.24 -20.41 -12.92
N GLN B 351 -15.21 -19.50 -11.95
CA GLN B 351 -15.98 -19.73 -10.69
C GLN B 351 -17.51 -19.59 -10.81
N LEU B 352 -17.99 -18.55 -11.52
CA LEU B 352 -19.41 -18.17 -11.53
C LEU B 352 -20.05 -18.21 -12.92
N GLY B 353 -19.25 -18.49 -13.95
CA GLY B 353 -19.75 -18.53 -15.31
C GLY B 353 -20.19 -17.18 -15.84
N TRP B 354 -19.75 -16.09 -15.20
CA TRP B 354 -20.32 -14.78 -15.51
C TRP B 354 -19.69 -14.17 -16.78
N ASN B 355 -20.50 -13.39 -17.50
CA ASN B 355 -20.06 -12.61 -18.63
C ASN B 355 -20.98 -11.43 -18.78
N PRO B 356 -20.41 -10.30 -19.18
CA PRO B 356 -21.24 -9.13 -19.40
C PRO B 356 -21.97 -9.26 -20.71
N LYS B 357 -23.31 -9.21 -20.65
CA LYS B 357 -24.14 -9.18 -21.85
C LYS B 357 -23.98 -7.82 -22.55
N THR B 358 -23.98 -6.73 -21.81
CA THR B 358 -24.38 -5.43 -22.42
C THR B 358 -23.21 -4.62 -23.00
N SER B 359 -23.49 -4.11 -24.20
CA SER B 359 -22.61 -3.26 -25.00
C SER B 359 -22.45 -1.86 -24.40
N LEU B 360 -21.36 -1.18 -24.80
CA LEU B 360 -21.10 0.16 -24.35
C LEU B 360 -22.18 1.12 -24.89
N TRP B 361 -22.32 1.12 -26.22
CA TRP B 361 -23.37 1.94 -26.85
C TRP B 361 -24.73 1.65 -26.23
N ASP B 362 -25.10 0.38 -26.13
CA ASP B 362 -26.39 0.00 -25.54
C ASP B 362 -26.49 0.57 -24.12
N LEU B 363 -25.49 0.34 -23.26
CA LEU B 363 -25.60 0.78 -21.87
C LEU B 363 -25.63 2.30 -21.73
N LEU B 364 -25.06 3.03 -22.70
CA LEU B 364 -25.10 4.50 -22.69
C LEU B 364 -26.46 5.04 -23.18
N GLU B 365 -27.01 4.44 -24.24
CA GLU B 365 -28.42 4.68 -24.66
C GLU B 365 -29.31 4.56 -23.40
N SER B 366 -29.17 3.47 -22.66
CA SER B 366 -29.93 3.22 -21.44
C SER B 366 -29.64 4.31 -20.41
N THR B 367 -28.36 4.55 -20.14
CA THR B 367 -28.03 5.39 -19.01
C THR B 367 -28.39 6.83 -19.34
N LEU B 368 -28.02 7.32 -20.51
CA LEU B 368 -28.34 8.70 -20.88
C LEU B 368 -29.85 8.98 -21.01
N THR B 369 -30.67 8.01 -21.41
CA THR B 369 -32.14 8.22 -21.35
C THR B 369 -32.58 8.42 -19.89
N TYR B 370 -32.11 7.60 -18.94
CA TYR B 370 -32.38 7.87 -17.52
C TYR B 370 -31.93 9.27 -17.12
N GLN B 371 -30.77 9.68 -17.61
CA GLN B 371 -30.20 10.98 -17.27
C GLN B 371 -31.05 12.11 -17.84
N HIS B 372 -31.48 11.98 -19.10
CA HIS B 372 -32.24 13.00 -19.75
C HIS B 372 -33.59 13.15 -19.07
N ARG B 373 -34.27 12.01 -18.87
CA ARG B 373 -35.62 11.98 -18.23
C ARG B 373 -35.55 12.46 -16.77
N THR B 374 -34.38 12.40 -16.12
CA THR B 374 -34.32 12.82 -14.75
C THR B 374 -33.88 14.28 -14.60
N TYR B 375 -32.92 14.73 -15.41
CA TYR B 375 -32.20 15.97 -15.07
C TYR B 375 -32.55 17.19 -15.95
N ALA B 376 -33.37 17.02 -16.99
CA ALA B 376 -33.47 18.07 -17.99
C ALA B 376 -34.45 19.20 -17.57
N GLU B 377 -35.66 18.86 -17.07
CA GLU B 377 -36.60 19.91 -16.58
C GLU B 377 -35.85 20.64 -15.46
N ALA B 378 -35.23 19.85 -14.56
CA ALA B 378 -34.43 20.39 -13.43
C ALA B 378 -33.32 21.36 -13.83
N VAL B 379 -32.45 20.96 -14.75
CA VAL B 379 -31.31 21.80 -15.18
C VAL B 379 -31.78 23.09 -15.90
N LYS B 380 -32.92 23.01 -16.64
CA LYS B 380 -33.58 24.19 -17.26
C LYS B 380 -33.96 25.21 -16.16
N LYS B 381 -34.71 24.75 -15.14
CA LYS B 381 -35.02 25.58 -13.96
C LYS B 381 -33.77 25.85 -13.08
N ALA B 382 -32.78 26.60 -13.58
CA ALA B 382 -31.51 26.87 -12.86
C ALA B 382 -30.61 27.79 -13.69
PA NAD C . 15.02 -3.28 14.87
O1A NAD C . 13.83 -4.20 15.08
O2A NAD C . 16.42 -3.77 15.24
O5B NAD C . 14.68 -1.92 15.71
C5B NAD C . 13.29 -1.69 16.04
C4B NAD C . 12.98 -1.72 17.54
O4B NAD C . 11.63 -1.34 17.65
C3B NAD C . 13.08 -3.07 18.26
O3B NAD C . 13.91 -2.94 19.41
C2B NAD C . 11.70 -3.44 18.69
O2B NAD C . 11.67 -4.17 19.92
C1B NAD C . 11.07 -2.06 18.73
N9A NAD C . 9.58 -2.21 18.70
C8A NAD C . 8.77 -2.91 17.86
N7A NAD C . 7.48 -2.79 18.28
C5A NAD C . 7.50 -2.01 19.38
C6A NAD C . 6.56 -1.47 20.35
N6A NAD C . 5.27 -1.72 20.23
N1A NAD C . 6.97 -0.68 21.37
C2A NAD C . 8.27 -0.38 21.54
N3A NAD C . 9.20 -0.86 20.70
C4A NAD C . 8.87 -1.64 19.64
O3 NAD C . 14.97 -2.75 13.33
PN NAD C . 16.07 -1.78 12.60
O1N NAD C . 17.01 -2.63 11.75
O2N NAD C . 16.57 -0.82 13.74
O5D NAD C . 15.12 -1.03 11.46
C5D NAD C . 14.40 0.18 11.74
C4D NAD C . 13.55 0.68 10.62
O4D NAD C . 14.17 0.47 9.32
C3D NAD C . 12.29 -0.13 10.76
O3D NAD C . 11.18 0.71 11.01
C2D NAD C . 12.20 -0.83 9.44
O2D NAD C . 10.78 -1.00 9.20
C1D NAD C . 13.20 -0.12 8.45
C1' UGA D . 14.66 -6.51 4.34
C2' UGA D . 13.45 -5.87 4.99
O2' UGA D . 12.31 -6.52 4.45
C3' UGA D . 13.24 -4.38 4.77
O3' UGA D . 12.33 -3.86 5.72
C4' UGA D . 14.51 -3.63 5.00
O4' UGA D . 14.34 -2.23 4.71
C5' UGA D . 15.56 -4.27 4.13
O5' UGA D . 15.79 -5.64 4.44
C6' UGA D . 16.78 -3.53 4.51
O'P UGA D . 17.56 -4.06 5.35
O'Q UGA D . 16.91 -2.39 4.02
PB UGA D . 15.21 -8.00 2.12
O1B UGA D . 16.54 -7.36 1.82
O2B UGA D . 14.40 -8.33 0.90
O3B UGA D . 14.36 -6.92 2.99
O3A UGA D . 15.35 -9.42 2.91
PA UGA D . 16.59 -10.18 3.65
O1A UGA D . 15.98 -11.30 4.48
O2A UGA D . 17.63 -9.28 4.27
O5D UGA D . 17.46 -10.90 2.52
C5D UGA D . 17.66 -10.35 1.23
C4D UGA D . 17.27 -11.44 0.27
O4D UGA D . 18.32 -12.39 0.29
C3D UGA D . 15.99 -12.15 0.65
O3D UGA D . 14.80 -11.51 0.17
C2D UGA D . 16.26 -13.46 -0.03
O2D UGA D . 15.97 -13.19 -1.41
C1D UGA D . 17.76 -13.71 0.24
N1 UGA D . 18.18 -14.51 1.44
C6 UGA D . 17.97 -14.06 2.68
C2 UGA D . 18.88 -15.74 1.37
O2 UGA D . 19.15 -16.28 0.28
N3 UGA D . 19.27 -16.45 2.43
C4 UGA D . 19.04 -16.03 3.66
O4 UGA D . 19.41 -16.71 4.66
C5 UGA D . 18.38 -14.81 3.80
PA NAD E . -21.23 5.02 -3.40
O1A NAD E . -20.74 6.10 -2.47
O2A NAD E . -22.20 5.44 -4.51
O5B NAD E . -21.71 3.89 -2.33
C5B NAD E . -21.09 3.93 -1.03
C4B NAD E . -22.03 4.42 0.08
O4B NAD E . -21.35 4.23 1.32
C3B NAD E . -22.44 5.89 0.07
O3B NAD E . -23.86 5.97 0.04
C2B NAD E . -21.96 6.46 1.39
O2B NAD E . -22.88 7.32 2.06
C1B NAD E . -21.79 5.20 2.22
N9A NAD E . -20.87 5.49 3.30
C8A NAD E . -19.66 6.04 3.27
N7A NAD E . -19.17 6.17 4.52
C5A NAD E . -20.07 5.70 5.36
C6A NAD E . -20.21 5.53 6.81
N6A NAD E . -19.26 5.90 7.66
N1A NAD E . -21.31 4.97 7.31
C2A NAD E . -22.29 4.60 6.50
N3A NAD E . -22.22 4.73 5.16
C4A NAD E . -21.17 5.26 4.55
O3 NAD E . -20.06 4.12 -4.10
PN NAD E . -20.23 2.95 -5.23
O1N NAD E . -20.10 3.56 -6.66
O2N NAD E . -21.44 2.17 -4.60
O5D NAD E . -18.90 2.03 -5.08
C5D NAD E . -18.87 1.06 -4.02
C4D NAD E . -17.55 0.30 -3.98
O4D NAD E . -16.94 0.01 -5.29
C3D NAD E . -16.66 1.15 -3.09
O3D NAD E . -16.09 0.43 -2.00
C2D NAD E . -15.58 1.51 -4.07
O2D NAD E . -14.43 1.56 -3.20
C1D NAD E . -15.61 0.52 -5.29
C1' UGA F . -12.61 5.57 -10.20
C2' UGA F . -12.23 5.15 -8.79
O2' UGA F . -10.87 5.47 -8.66
C3' UGA F . -12.27 3.68 -8.43
O3' UGA F . -12.53 3.58 -7.04
C4' UGA F . -13.43 2.99 -9.06
O4' UGA F . -13.41 1.59 -8.68
C5' UGA F . -13.27 3.28 -10.53
O5' UGA F . -13.53 4.66 -10.76
C6' UGA F . -14.37 2.55 -11.22
O'P UGA F . -15.23 3.25 -11.77
O'Q UGA F . -14.37 1.30 -11.19
PB UGA F . -11.18 6.47 -12.34
O1B UGA F . -11.80 5.65 -13.41
O2B UGA F . -9.73 6.70 -12.53
O3B UGA F . -11.41 5.65 -10.96
O3A UGA F . -11.62 8.03 -12.37
PA UGA F . -12.91 8.79 -12.99
O1A UGA F . -13.00 10.18 -12.41
O2A UGA F . -14.08 7.87 -12.81
O5D UGA F . -12.63 9.10 -14.52
C5D UGA F . -11.80 8.28 -15.32
C4D UGA F . -10.80 9.15 -16.02
O4D UGA F . -11.42 9.95 -17.02
C3D UGA F . -10.23 10.13 -15.03
O3D UGA F . -9.35 9.45 -14.14
C2D UGA F . -9.66 11.08 -16.05
O2D UGA F . -8.58 10.40 -16.71
C1D UGA F . -10.79 11.23 -17.06
N1 UGA F . -11.82 12.27 -16.82
C6 UGA F . -12.71 12.20 -15.82
C2 UGA F . -11.96 13.37 -17.71
O2 UGA F . -11.23 13.56 -18.70
N3 UGA F . -12.89 14.33 -17.54
C4 UGA F . -13.78 14.28 -16.53
O4 UGA F . -14.66 15.19 -16.40
C5 UGA F . -13.68 13.20 -15.64
#